data_6RSW
#
_entry.id   6RSW
#
_cell.length_a   87.370
_cell.length_b   54.490
_cell.length_c   87.830
_cell.angle_alpha   90.00
_cell.angle_beta   93.61
_cell.angle_gamma   90.00
#
_symmetry.space_group_name_H-M   'P 1 21 1'
#
loop_
_entity.id
_entity.type
_entity.pdbx_description
1 polymer 'Actin, alpha skeletal muscle'
2 polymer Twinfilin-1
3 polymer 'Adenylyl cyclase-associated protein 1'
4 non-polymer 'MAGNESIUM ION'
5 non-polymer "ADENOSINE-5'-DIPHOSPHATE"
6 non-polymer '4-(2-HYDROXYETHYL)-1-PIPERAZINE ETHANESULFONIC ACID'
7 water water
#
loop_
_entity_poly.entity_id
_entity_poly.type
_entity_poly.pdbx_seq_one_letter_code
_entity_poly.pdbx_strand_id
1 'polypeptide(L)'
;DEDETTALVCDNGSGLVKAGFAGDDAPRAVFPSIVGRPRHQGVMVGMGQKDSYVGDEAQSKRGILTLKYPIE(HIC)GII
TNWDDMEKIWHHTFYNELRVAPEEHPTLLTEAPLNPKANREKMTQIMFETFNVPAMYVAIQAVLSLYASGRTTGIVLDSG
DGVTHNVPIYEGYALPHAIMRLDLAGRDLTDYLMKILTERGYSFVTTAEREIVRDIKEKLCYVALDFENEMATAASSSSL
EKSYELPDGQVITIGNERFRCPETLFQPSFIGMESAGIHETTYNSIMKCDIDIRKDLYANNVMSGGTTMYPGIADRMQKE
ITALAPSTMKIKIIAPPERKYSVWIGGSILASLSTFQQMWITKQEYDEAGPSIVHRKCF
;
A
2 'polypeptide(L)'
;QGVAFPISRDAFQALEKLSKKQLNYVQLEIDIKNETIILANTENTELRDLPKRIPKDSARYHFFLYKHSHEGDYLESVVF
IYSMPGYTCSIRERMLYSSCKSPLLEIVERQLQMDVIRKIEIDNGDELTADFLYDEVHPKQ
;
B
3 'polypeptide(L)'
;AVPYVQAFDSLLANPVAEYLKMSKEIGGDVQKHAEMVHTGLKLERALLATASQSQQPAGNKLSDLLAPISEQIQEVITFR
EKNRGSKFFNHLSAVSESIQALGWVALAAKPGPFVKEMNDAAMFYTNRVLKEYRDVDKKHVDWVRAYLSIWTELQAYIKE
FHTTGLAWSKTG
;
C
#
loop_
_chem_comp.id
_chem_comp.type
_chem_comp.name
_chem_comp.formula
ADP non-polymer ADENOSINE-5'-DIPHOSPHATE 'C10 H15 N5 O10 P2'
EPE non-polymer '4-(2-HYDROXYETHYL)-1-PIPERAZINE ETHANESULFONIC ACID' 'C8 H18 N2 O4 S'
MG non-polymer 'MAGNESIUM ION' 'Mg 2'
#
# COMPACT_ATOMS: atom_id res chain seq x y z
N ASP A 3 9.04 19.75 -0.78
CA ASP A 3 8.39 19.29 0.45
C ASP A 3 8.04 20.48 1.38
N GLU A 4 8.28 21.71 0.89
CA GLU A 4 8.05 22.99 1.57
C GLU A 4 6.55 23.26 1.81
N THR A 5 5.76 23.28 0.71
CA THR A 5 4.31 23.51 0.71
C THR A 5 3.62 22.53 -0.26
N THR A 6 4.39 21.51 -0.74
CA THR A 6 3.97 20.47 -1.68
C THR A 6 2.70 19.76 -1.20
N ALA A 7 1.78 19.44 -2.12
CA ALA A 7 0.58 18.72 -1.72
C ALA A 7 0.93 17.30 -1.25
N LEU A 8 0.13 16.79 -0.31
CA LEU A 8 0.33 15.44 0.21
C LEU A 8 -0.66 14.51 -0.45
N VAL A 9 -0.22 13.26 -0.64
CA VAL A 9 -1.05 12.18 -1.21
C VAL A 9 -1.11 11.08 -0.18
N CYS A 10 -2.32 10.74 0.26
CA CYS A 10 -2.49 9.69 1.25
C CYS A 10 -3.48 8.64 0.79
N ASP A 11 -2.95 7.47 0.50
CA ASP A 11 -3.70 6.30 0.11
C ASP A 11 -3.85 5.40 1.33
N ASN A 12 -4.98 5.54 2.06
CA ASN A 12 -5.24 4.73 3.25
C ASN A 12 -5.78 3.37 2.85
N GLY A 13 -4.88 2.38 2.75
CA GLY A 13 -5.26 1.03 2.39
C GLY A 13 -5.87 0.24 3.54
N SER A 14 -6.56 -0.86 3.20
CA SER A 14 -7.17 -1.81 4.13
C SER A 14 -6.09 -2.36 5.09
N GLY A 15 -4.84 -2.39 4.63
CA GLY A 15 -3.72 -2.86 5.44
C GLY A 15 -2.49 -1.97 5.44
N LEU A 16 -2.27 -1.21 4.35
CA LEU A 16 -1.08 -0.34 4.27
C LEU A 16 -1.39 1.08 3.90
N VAL A 17 -0.81 2.01 4.65
CA VAL A 17 -0.90 3.43 4.33
C VAL A 17 0.24 3.70 3.34
N LYS A 18 -0.08 4.35 2.20
CA LYS A 18 0.91 4.79 1.22
C LYS A 18 0.78 6.31 1.27
N ALA A 19 1.82 6.98 1.74
CA ALA A 19 1.83 8.42 1.88
C ALA A 19 3.08 9.02 1.26
N GLY A 20 2.97 10.25 0.80
CA GLY A 20 4.07 10.97 0.20
C GLY A 20 3.69 12.33 -0.32
N PHE A 21 4.54 12.85 -1.21
CA PHE A 21 4.40 14.18 -1.80
C PHE A 21 4.02 14.11 -3.27
N ALA A 22 3.03 14.92 -3.66
CA ALA A 22 2.53 15.07 -5.03
C ALA A 22 3.72 15.42 -5.94
N GLY A 23 3.91 14.63 -6.99
CA GLY A 23 5.03 14.83 -7.92
C GLY A 23 6.10 13.75 -7.83
N ASP A 24 6.17 13.03 -6.71
CA ASP A 24 7.14 11.95 -6.55
C ASP A 24 6.63 10.74 -7.30
N ASP A 25 7.55 9.88 -7.75
CA ASP A 25 7.21 8.67 -8.51
C ASP A 25 6.73 7.53 -7.62
N ALA A 26 7.03 7.59 -6.32
CA ALA A 26 6.66 6.53 -5.38
C ALA A 26 6.26 7.11 -4.04
N PRO A 27 5.42 6.42 -3.23
CA PRO A 27 5.12 6.96 -1.89
C PRO A 27 6.39 6.98 -1.02
N ARG A 28 6.60 8.07 -0.26
CA ARG A 28 7.75 8.21 0.64
C ARG A 28 7.62 7.28 1.86
N ALA A 29 6.39 7.12 2.40
CA ALA A 29 6.14 6.29 3.57
C ALA A 29 5.11 5.22 3.28
N VAL A 30 5.42 3.96 3.63
CA VAL A 30 4.53 2.80 3.49
C VAL A 30 4.60 2.05 4.80
N PHE A 31 3.48 2.01 5.54
CA PHE A 31 3.49 1.36 6.83
C PHE A 31 2.14 0.69 7.14
N PRO A 32 2.10 -0.27 8.10
CA PRO A 32 0.82 -0.96 8.41
C PRO A 32 -0.23 -0.06 9.03
N SER A 33 -1.44 -0.18 8.54
CA SER A 33 -2.62 0.53 9.03
C SER A 33 -3.20 -0.36 10.14
N ILE A 34 -2.58 -0.28 11.31
CA ILE A 34 -2.94 -1.13 12.44
C ILE A 34 -2.62 -0.43 13.76
N VAL A 35 -3.42 -0.72 14.80
CA VAL A 35 -3.26 -0.21 16.17
C VAL A 35 -3.17 -1.43 17.09
N GLY A 36 -2.19 -1.40 17.98
CA GLY A 36 -1.94 -2.49 18.92
C GLY A 36 -2.08 -1.99 20.33
N ARG A 37 -2.64 -2.83 21.21
CA ARG A 37 -2.85 -2.47 22.62
C ARG A 37 -2.36 -3.59 23.54
N PRO A 38 -1.80 -3.30 24.74
CA PRO A 38 -1.29 -4.39 25.59
C PRO A 38 -2.35 -5.45 25.88
N ARG A 39 -1.96 -6.73 25.76
CA ARG A 39 -2.81 -7.89 26.02
C ARG A 39 -3.33 -7.92 27.46
N HIS A 40 -2.48 -7.57 28.44
CA HIS A 40 -2.88 -7.55 29.85
C HIS A 40 -2.72 -6.17 30.46
N GLN A 41 -3.59 -5.83 31.45
CA GLN A 41 -3.62 -4.54 32.16
C GLN A 41 -2.22 -4.04 32.56
N GLY A 42 -1.40 -4.94 33.13
CA GLY A 42 -0.04 -4.63 33.52
C GLY A 42 0.42 -5.29 34.81
N VAL A 43 1.58 -5.97 34.74
CA VAL A 43 2.25 -6.65 35.87
C VAL A 43 3.38 -5.71 36.38
N MET A 44 3.66 -4.64 35.60
CA MET A 44 4.64 -3.61 35.91
C MET A 44 4.10 -2.20 35.62
N VAL A 45 4.55 -1.21 36.42
CA VAL A 45 4.15 0.19 36.24
C VAL A 45 5.21 0.94 35.43
N GLY A 46 4.76 1.78 34.49
CA GLY A 46 5.64 2.57 33.63
C GLY A 46 6.51 1.68 32.78
N MET A 47 7.81 1.60 33.13
CA MET A 47 8.81 0.79 32.41
C MET A 47 8.73 0.94 30.87
N GLY A 48 8.39 2.15 30.41
CA GLY A 48 8.28 2.51 29.01
C GLY A 48 7.00 2.07 28.30
N GLN A 49 6.04 1.43 29.02
CA GLN A 49 4.77 0.95 28.43
C GLN A 49 3.89 2.07 27.89
N LYS A 50 3.27 1.85 26.71
CA LYS A 50 2.31 2.79 26.12
C LYS A 50 0.94 2.10 26.10
N ASP A 51 -0.14 2.90 26.13
CA ASP A 51 -1.53 2.42 26.05
C ASP A 51 -1.86 1.89 24.66
N SER A 52 -1.23 2.42 23.61
CA SER A 52 -1.42 1.97 22.23
C SER A 52 -0.14 2.17 21.40
N TYR A 53 -0.03 1.41 20.32
CA TYR A 53 1.10 1.40 19.37
C TYR A 53 0.51 1.44 17.97
N VAL A 54 1.16 2.15 17.04
CA VAL A 54 0.68 2.29 15.66
C VAL A 54 1.70 1.72 14.69
N GLY A 55 1.21 1.17 13.57
CA GLY A 55 2.01 0.69 12.45
C GLY A 55 3.05 -0.34 12.78
N ASP A 56 4.31 -0.04 12.40
CA ASP A 56 5.46 -0.93 12.65
C ASP A 56 5.75 -1.12 14.10
N GLU A 57 5.45 -0.13 14.95
CA GLU A 57 5.67 -0.27 16.41
C GLU A 57 4.69 -1.33 16.98
N ALA A 58 3.45 -1.39 16.45
CA ALA A 58 2.45 -2.40 16.78
C ALA A 58 2.90 -3.78 16.25
N GLN A 59 3.39 -3.83 14.97
CA GLN A 59 3.94 -5.05 14.35
C GLN A 59 5.12 -5.61 15.12
N SER A 60 6.15 -4.78 15.48
CA SER A 60 7.31 -5.28 16.23
C SER A 60 6.90 -5.86 17.60
N LYS A 61 5.92 -5.25 18.26
CA LYS A 61 5.45 -5.74 19.57
C LYS A 61 4.20 -6.64 19.53
N ARG A 62 3.79 -7.14 18.33
CA ARG A 62 2.56 -7.95 18.19
C ARG A 62 2.50 -9.17 19.13
N GLY A 63 3.65 -9.75 19.50
CA GLY A 63 3.70 -10.85 20.45
C GLY A 63 3.14 -10.56 21.83
N ILE A 64 3.03 -9.26 22.20
CA ILE A 64 2.50 -8.89 23.51
C ILE A 64 1.27 -7.98 23.40
N LEU A 65 0.72 -7.83 22.18
CA LEU A 65 -0.42 -6.94 21.94
C LEU A 65 -1.60 -7.65 21.33
N THR A 66 -2.76 -6.98 21.37
CA THR A 66 -3.95 -7.37 20.61
C THR A 66 -3.91 -6.34 19.47
N LEU A 67 -4.21 -6.78 18.26
CA LEU A 67 -4.17 -5.89 17.11
C LEU A 67 -5.55 -5.59 16.56
N LYS A 68 -5.71 -4.39 15.97
CA LYS A 68 -6.99 -3.96 15.40
C LYS A 68 -6.76 -3.06 14.21
N TYR A 69 -7.34 -3.45 13.07
CA TYR A 69 -7.32 -2.67 11.83
C TYR A 69 -8.44 -1.64 11.90
N PRO A 70 -8.14 -0.35 11.68
CA PRO A 70 -9.23 0.66 11.67
C PRO A 70 -10.23 0.46 10.50
N ILE A 71 -9.76 -0.24 9.43
CA ILE A 71 -10.59 -0.56 8.27
C ILE A 71 -11.11 -2.00 8.39
N GLU A 72 -12.43 -2.16 8.27
CA GLU A 72 -13.11 -3.47 8.37
C GLU A 72 -13.97 -3.63 7.15
N HIC A 73 -13.83 -4.78 6.45
CA HIC A 73 -14.57 -5.09 5.22
C HIC A 73 -14.35 -3.99 4.14
O HIC A 73 -15.24 -3.67 3.35
CB HIC A 73 -16.07 -5.35 5.47
CG HIC A 73 -16.29 -6.20 6.69
ND1 HIC A 73 -16.00 -7.56 6.69
CD2 HIC A 73 -16.65 -5.83 7.95
CE1 HIC A 73 -16.16 -7.95 7.93
NE2 HIC A 73 -16.56 -6.95 8.73
CZ HIC A 73 -16.80 -7.02 10.18
N GLY A 74 -13.14 -3.42 4.15
CA GLY A 74 -12.74 -2.37 3.22
C GLY A 74 -13.19 -0.96 3.52
N ILE A 75 -13.88 -0.73 4.64
CA ILE A 75 -14.42 0.59 5.03
C ILE A 75 -13.80 1.08 6.34
N ILE A 76 -13.47 2.40 6.43
CA ILE A 76 -12.99 2.99 7.71
C ILE A 76 -14.12 2.80 8.75
N THR A 77 -13.82 2.11 9.86
CA THR A 77 -14.80 1.75 10.90
C THR A 77 -14.42 2.28 12.29
N ASN A 78 -13.15 2.10 12.67
CA ASN A 78 -12.68 2.52 13.99
C ASN A 78 -12.00 3.88 13.82
N TRP A 79 -12.82 4.96 13.98
CA TRP A 79 -12.45 6.35 13.74
C TRP A 79 -11.38 6.90 14.67
N ASP A 80 -11.44 6.64 15.97
CA ASP A 80 -10.38 7.11 16.88
C ASP A 80 -9.04 6.46 16.48
N ASP A 81 -9.05 5.16 16.09
CA ASP A 81 -7.85 4.46 15.61
C ASP A 81 -7.36 4.98 14.26
N MET A 82 -8.31 5.28 13.33
CA MET A 82 -7.96 5.87 12.03
C MET A 82 -7.28 7.25 12.27
N GLU A 83 -7.80 8.03 13.25
CA GLU A 83 -7.21 9.33 13.60
C GLU A 83 -5.78 9.14 14.13
N LYS A 84 -5.54 8.07 14.91
CA LYS A 84 -4.18 7.75 15.36
C LYS A 84 -3.26 7.49 14.17
N ILE A 85 -3.76 6.75 13.14
CA ILE A 85 -2.98 6.41 11.95
C ILE A 85 -2.70 7.66 11.11
N TRP A 86 -3.69 8.56 10.94
CA TRP A 86 -3.51 9.81 10.21
C TRP A 86 -2.50 10.70 10.93
N HIS A 87 -2.61 10.80 12.28
CA HIS A 87 -1.67 11.58 13.09
C HIS A 87 -0.24 11.05 12.86
N HIS A 88 -0.06 9.72 12.94
CA HIS A 88 1.23 9.04 12.73
C HIS A 88 1.79 9.31 11.33
N THR A 89 0.92 9.26 10.30
CA THR A 89 1.30 9.55 8.92
C THR A 89 1.89 10.96 8.80
N PHE A 90 1.16 12.00 9.28
CA PHE A 90 1.63 13.39 9.18
C PHE A 90 2.88 13.69 10.02
N TYR A 91 2.82 13.39 11.32
CA TYR A 91 3.86 13.75 12.28
C TYR A 91 5.05 12.78 12.41
N ASN A 92 4.84 11.47 12.24
CA ASN A 92 5.94 10.51 12.44
C ASN A 92 6.55 9.96 11.17
N GLU A 93 5.76 9.85 10.10
CA GLU A 93 6.24 9.28 8.84
C GLU A 93 6.63 10.35 7.83
N LEU A 94 5.69 11.24 7.47
CA LEU A 94 5.98 12.31 6.51
C LEU A 94 6.73 13.45 7.18
N ARG A 95 6.51 13.64 8.51
CA ARG A 95 7.14 14.68 9.33
C ARG A 95 6.86 16.07 8.77
N VAL A 96 5.56 16.37 8.65
CA VAL A 96 5.02 17.63 8.13
C VAL A 96 4.01 18.23 9.10
N ALA A 97 3.75 19.52 8.95
CA ALA A 97 2.71 20.21 9.70
C ALA A 97 1.49 20.17 8.74
N PRO A 98 0.43 19.36 9.03
CA PRO A 98 -0.71 19.24 8.09
C PRO A 98 -1.42 20.55 7.70
N GLU A 99 -1.40 21.57 8.58
CA GLU A 99 -2.02 22.87 8.31
C GLU A 99 -1.31 23.67 7.20
N GLU A 100 -0.20 23.13 6.66
CA GLU A 100 0.62 23.75 5.63
C GLU A 100 0.48 23.05 4.26
N HIS A 101 -0.16 21.88 4.24
CA HIS A 101 -0.24 21.10 3.01
C HIS A 101 -1.64 20.71 2.56
N PRO A 102 -2.02 21.06 1.31
CA PRO A 102 -3.28 20.51 0.76
C PRO A 102 -3.12 18.98 0.71
N THR A 103 -4.14 18.23 1.16
CA THR A 103 -4.03 16.77 1.21
C THR A 103 -5.06 16.06 0.33
N LEU A 104 -4.58 15.18 -0.55
CA LEU A 104 -5.43 14.34 -1.38
C LEU A 104 -5.54 12.98 -0.69
N LEU A 105 -6.78 12.54 -0.42
CA LEU A 105 -7.05 11.25 0.19
C LEU A 105 -7.78 10.37 -0.77
N THR A 106 -7.54 9.07 -0.67
CA THR A 106 -8.18 8.10 -1.54
C THR A 106 -9.33 7.44 -0.80
N GLU A 107 -10.29 6.94 -1.55
CA GLU A 107 -11.46 6.32 -0.97
C GLU A 107 -11.69 4.94 -1.55
N ALA A 108 -12.09 4.02 -0.66
CA ALA A 108 -12.39 2.65 -0.97
C ALA A 108 -13.73 2.54 -1.72
N PRO A 109 -13.98 1.41 -2.46
CA PRO A 109 -15.28 1.26 -3.13
C PRO A 109 -16.45 1.19 -2.15
N LEU A 110 -17.62 1.65 -2.59
CA LEU A 110 -18.87 1.62 -1.80
C LEU A 110 -18.83 2.39 -0.48
N ASN A 111 -17.93 3.37 -0.39
CA ASN A 111 -17.81 4.15 0.82
C ASN A 111 -19.08 5.02 1.08
N PRO A 112 -19.78 4.87 2.23
CA PRO A 112 -20.96 5.70 2.47
C PRO A 112 -20.62 7.18 2.42
N LYS A 113 -21.59 8.03 1.99
CA LYS A 113 -21.47 9.49 1.93
C LYS A 113 -21.07 10.06 3.29
N ALA A 114 -21.71 9.57 4.40
CA ALA A 114 -21.40 10.04 5.75
C ALA A 114 -19.97 9.74 6.17
N ASN A 115 -19.39 8.64 5.64
CA ASN A 115 -18.02 8.23 5.93
C ASN A 115 -17.02 9.23 5.31
N ARG A 116 -17.24 9.62 4.02
CA ARG A 116 -16.42 10.63 3.32
C ARG A 116 -16.55 11.98 4.05
N GLU A 117 -17.77 12.32 4.50
CA GLU A 117 -18.02 13.54 5.28
C GLU A 117 -17.23 13.50 6.58
N LYS A 118 -17.20 12.33 7.25
CA LYS A 118 -16.47 12.15 8.52
C LYS A 118 -14.96 12.36 8.38
N MET A 119 -14.35 11.75 7.37
CA MET A 119 -12.93 11.90 7.04
C MET A 119 -12.60 13.39 6.74
N THR A 120 -13.48 14.05 5.97
CA THR A 120 -13.32 15.47 5.61
C THR A 120 -13.38 16.36 6.86
N GLN A 121 -14.31 16.04 7.78
CA GLN A 121 -14.50 16.77 9.03
C GLN A 121 -13.24 16.66 9.89
N ILE A 122 -12.67 15.43 10.02
CA ILE A 122 -11.46 15.15 10.78
C ILE A 122 -10.26 15.89 10.15
N MET A 123 -10.15 15.86 8.82
CA MET A 123 -9.05 16.54 8.12
C MET A 123 -9.07 18.04 8.30
N PHE A 124 -10.24 18.69 8.19
CA PHE A 124 -10.32 20.14 8.36
C PHE A 124 -10.32 20.62 9.80
N GLU A 125 -11.05 19.93 10.68
CA GLU A 125 -11.18 20.36 12.07
C GLU A 125 -10.11 19.79 13.00
N THR A 126 -9.72 18.52 12.84
CA THR A 126 -8.71 17.91 13.70
C THR A 126 -7.28 18.15 13.18
N PHE A 127 -7.04 17.97 11.88
CA PHE A 127 -5.70 18.16 11.33
C PHE A 127 -5.48 19.55 10.74
N ASN A 128 -6.56 20.35 10.67
CA ASN A 128 -6.53 21.74 10.17
C ASN A 128 -5.84 21.88 8.80
N VAL A 129 -6.06 20.89 7.89
CA VAL A 129 -5.50 20.94 6.53
C VAL A 129 -6.03 22.19 5.81
N PRO A 130 -5.22 22.91 4.98
CA PRO A 130 -5.77 24.13 4.32
C PRO A 130 -6.75 23.81 3.19
N ALA A 131 -6.51 22.70 2.49
CA ALA A 131 -7.31 22.26 1.37
C ALA A 131 -7.33 20.74 1.29
N MET A 132 -8.41 20.18 0.77
CA MET A 132 -8.57 18.72 0.71
C MET A 132 -9.17 18.26 -0.60
N TYR A 133 -9.04 16.96 -0.90
CA TYR A 133 -9.62 16.32 -2.06
C TYR A 133 -9.74 14.83 -1.83
N VAL A 134 -10.82 14.23 -2.33
CA VAL A 134 -11.05 12.79 -2.22
C VAL A 134 -11.17 12.20 -3.61
N ALA A 135 -10.38 11.17 -3.88
CA ALA A 135 -10.44 10.46 -5.15
C ALA A 135 -10.65 8.98 -4.89
N ILE A 136 -11.43 8.34 -5.75
CA ILE A 136 -11.74 6.92 -5.65
C ILE A 136 -10.55 6.09 -6.15
N GLN A 137 -10.04 5.21 -5.29
CA GLN A 137 -8.88 4.36 -5.57
C GLN A 137 -8.94 3.64 -6.95
N ALA A 138 -10.04 2.93 -7.24
CA ALA A 138 -10.21 2.17 -8.50
C ALA A 138 -10.20 3.09 -9.75
N VAL A 139 -10.74 4.29 -9.61
CA VAL A 139 -10.78 5.25 -10.70
C VAL A 139 -9.35 5.78 -10.99
N LEU A 140 -8.57 6.09 -9.94
CA LEU A 140 -7.17 6.53 -10.09
C LEU A 140 -6.35 5.44 -10.80
N SER A 141 -6.52 4.14 -10.43
CA SER A 141 -5.83 3.00 -11.06
C SER A 141 -6.25 2.79 -12.49
N LEU A 142 -7.57 2.82 -12.78
CA LEU A 142 -8.06 2.68 -14.16
C LEU A 142 -7.50 3.79 -15.04
N TYR A 143 -7.55 5.04 -14.55
CA TYR A 143 -7.07 6.20 -15.31
C TYR A 143 -5.57 6.09 -15.58
N ALA A 144 -4.80 5.64 -14.57
CA ALA A 144 -3.35 5.42 -14.69
C ALA A 144 -3.00 4.30 -15.68
N SER A 145 -3.96 3.38 -15.95
CA SER A 145 -3.77 2.29 -16.93
C SER A 145 -3.96 2.76 -18.39
N GLY A 146 -4.44 3.99 -18.59
CA GLY A 146 -4.66 4.58 -19.93
C GLY A 146 -6.02 4.31 -20.54
N ARG A 147 -7.10 4.32 -19.73
CA ARG A 147 -8.49 4.12 -20.21
C ARG A 147 -9.47 4.70 -19.18
N THR A 148 -10.75 4.92 -19.57
CA THR A 148 -11.74 5.48 -18.63
C THR A 148 -12.90 4.54 -18.38
N THR A 149 -12.96 3.43 -19.13
CA THR A 149 -13.97 2.37 -18.98
C THR A 149 -13.24 1.06 -18.81
N GLY A 150 -13.67 0.28 -17.82
CA GLY A 150 -13.12 -1.03 -17.55
C GLY A 150 -13.56 -1.56 -16.22
N ILE A 151 -13.13 -2.75 -15.88
CA ILE A 151 -13.44 -3.30 -14.57
C ILE A 151 -12.15 -3.51 -13.80
N VAL A 152 -12.02 -2.82 -12.68
CA VAL A 152 -10.80 -2.94 -11.90
C VAL A 152 -10.88 -4.13 -10.92
N LEU A 153 -9.82 -4.93 -10.86
CA LEU A 153 -9.66 -5.95 -9.83
C LEU A 153 -8.63 -5.35 -8.88
N ASP A 154 -9.07 -4.83 -7.73
CA ASP A 154 -8.17 -4.24 -6.75
C ASP A 154 -8.00 -5.23 -5.57
N SER A 155 -6.87 -5.93 -5.53
CA SER A 155 -6.58 -6.89 -4.46
C SER A 155 -5.45 -6.29 -3.64
N GLY A 156 -5.78 -5.90 -2.43
CA GLY A 156 -4.86 -5.25 -1.51
C GLY A 156 -4.41 -6.12 -0.35
N ASP A 157 -4.55 -5.58 0.88
CA ASP A 157 -4.05 -6.31 2.05
C ASP A 157 -5.15 -7.11 2.77
N GLY A 158 -6.26 -6.46 3.08
CA GLY A 158 -7.37 -7.08 3.79
C GLY A 158 -8.61 -7.28 2.95
N VAL A 159 -8.66 -6.65 1.75
CA VAL A 159 -9.83 -6.73 0.92
C VAL A 159 -9.49 -6.75 -0.58
N THR A 160 -10.35 -7.41 -1.36
CA THR A 160 -10.31 -7.46 -2.82
C THR A 160 -11.67 -6.98 -3.36
N HIS A 161 -11.66 -6.08 -4.35
CA HIS A 161 -12.88 -5.62 -4.99
C HIS A 161 -12.79 -5.78 -6.48
N ASN A 162 -13.96 -5.97 -7.10
CA ASN A 162 -14.20 -5.97 -8.54
C ASN A 162 -15.01 -4.68 -8.73
N VAL A 163 -14.42 -3.67 -9.40
CA VAL A 163 -15.07 -2.36 -9.58
C VAL A 163 -15.31 -2.03 -11.08
N PRO A 164 -16.54 -2.24 -11.62
CA PRO A 164 -16.81 -1.81 -13.00
C PRO A 164 -16.90 -0.27 -13.02
N ILE A 165 -16.28 0.36 -14.02
CA ILE A 165 -16.27 1.83 -14.17
C ILE A 165 -16.60 2.18 -15.62
N TYR A 166 -17.50 3.17 -15.80
CA TYR A 166 -17.92 3.68 -17.08
C TYR A 166 -17.59 5.17 -17.12
N GLU A 167 -16.65 5.54 -18.02
CA GLU A 167 -16.19 6.91 -18.23
C GLU A 167 -15.87 7.63 -16.86
N GLY A 168 -15.14 6.91 -16.00
CA GLY A 168 -14.67 7.43 -14.72
C GLY A 168 -15.63 7.35 -13.56
N TYR A 169 -16.83 6.80 -13.78
CA TYR A 169 -17.82 6.65 -12.71
C TYR A 169 -17.95 5.17 -12.37
N ALA A 170 -17.69 4.79 -11.12
CA ALA A 170 -17.85 3.40 -10.69
C ALA A 170 -19.37 3.08 -10.61
N LEU A 171 -19.74 1.83 -10.90
CA LEU A 171 -21.14 1.34 -10.84
C LEU A 171 -21.34 0.68 -9.48
N PRO A 172 -21.79 1.42 -8.45
CA PRO A 172 -21.91 0.82 -7.12
C PRO A 172 -22.75 -0.46 -7.02
N HIS A 173 -23.82 -0.57 -7.83
CA HIS A 173 -24.72 -1.74 -7.77
C HIS A 173 -24.00 -3.05 -8.14
N ALA A 174 -22.97 -2.97 -9.02
CA ALA A 174 -22.20 -4.09 -9.54
C ALA A 174 -20.87 -4.36 -8.83
N ILE A 175 -20.45 -3.52 -7.86
CA ILE A 175 -19.16 -3.73 -7.17
C ILE A 175 -19.28 -4.98 -6.28
N MET A 176 -18.30 -5.88 -6.39
CA MET A 176 -18.23 -7.12 -5.61
C MET A 176 -17.07 -7.01 -4.63
N ARG A 177 -17.25 -7.54 -3.43
CA ARG A 177 -16.22 -7.53 -2.41
C ARG A 177 -15.88 -8.96 -1.98
N LEU A 178 -14.61 -9.21 -1.78
CA LEU A 178 -14.10 -10.47 -1.28
C LEU A 178 -13.22 -10.09 -0.07
N ASP A 179 -13.54 -10.62 1.13
CA ASP A 179 -12.74 -10.34 2.34
C ASP A 179 -11.53 -11.28 2.40
N LEU A 180 -10.72 -11.25 1.35
CA LEU A 180 -9.55 -12.11 1.19
C LEU A 180 -8.58 -11.34 0.32
N ALA A 181 -7.36 -11.10 0.82
CA ALA A 181 -6.29 -10.44 0.08
C ALA A 181 -4.89 -10.78 0.67
N GLY A 182 -3.93 -9.86 0.54
CA GLY A 182 -2.52 -10.03 0.91
C GLY A 182 -2.16 -10.65 2.24
N ARG A 183 -2.66 -10.06 3.37
CA ARG A 183 -2.35 -10.56 4.75
C ARG A 183 -2.82 -12.02 4.96
N ASP A 184 -3.96 -12.39 4.34
CA ASP A 184 -4.54 -13.75 4.39
C ASP A 184 -3.65 -14.73 3.65
N LEU A 185 -3.01 -14.29 2.55
CA LEU A 185 -2.06 -15.12 1.80
C LEU A 185 -0.76 -15.32 2.57
N THR A 186 -0.27 -14.26 3.24
CA THR A 186 0.93 -14.36 4.10
C THR A 186 0.65 -15.40 5.20
N ASP A 187 -0.55 -15.30 5.81
CA ASP A 187 -0.91 -16.20 6.88
C ASP A 187 -1.05 -17.64 6.40
N TYR A 188 -1.60 -17.84 5.20
CA TYR A 188 -1.74 -19.17 4.63
C TYR A 188 -0.37 -19.74 4.26
N LEU A 189 0.53 -18.92 3.66
CA LEU A 189 1.90 -19.38 3.40
C LEU A 189 2.58 -19.82 4.70
N MET A 190 2.44 -19.04 5.80
CA MET A 190 2.99 -19.44 7.11
C MET A 190 2.50 -20.83 7.50
N LYS A 191 1.19 -21.06 7.37
CA LYS A 191 0.56 -22.34 7.72
C LYS A 191 1.12 -23.51 6.90
N ILE A 192 1.19 -23.37 5.57
CA ILE A 192 1.65 -24.48 4.72
C ILE A 192 3.16 -24.67 4.82
N LEU A 193 3.94 -23.60 5.14
CA LEU A 193 5.39 -23.82 5.37
C LEU A 193 5.58 -24.58 6.72
N THR A 194 4.70 -24.33 7.72
CA THR A 194 4.70 -24.98 9.05
C THR A 194 4.38 -26.45 8.86
N GLU A 195 3.28 -26.76 8.15
CA GLU A 195 2.84 -28.13 7.80
C GLU A 195 3.95 -28.88 7.03
N ARG A 196 4.88 -28.14 6.39
CA ARG A 196 6.04 -28.69 5.67
C ARG A 196 7.17 -29.03 6.65
N GLY A 197 7.21 -28.35 7.82
CA GLY A 197 8.26 -28.58 8.81
C GLY A 197 9.01 -27.35 9.29
N TYR A 198 8.85 -26.19 8.58
CA TYR A 198 9.47 -24.93 8.97
C TYR A 198 8.74 -24.29 10.13
N SER A 199 9.38 -23.37 10.85
CA SER A 199 8.73 -22.69 11.96
C SER A 199 8.88 -21.19 11.83
N PHE A 200 7.85 -20.52 11.32
CA PHE A 200 7.83 -19.06 11.22
C PHE A 200 6.70 -18.63 12.11
N VAL A 201 7.01 -18.09 13.30
CA VAL A 201 6.00 -17.74 14.31
C VAL A 201 6.10 -16.28 14.78
N THR A 202 7.31 -15.80 15.10
CA THR A 202 7.55 -14.46 15.65
C THR A 202 7.21 -13.39 14.64
N THR A 203 7.14 -12.14 15.08
CA THR A 203 6.82 -11.04 14.15
C THR A 203 7.88 -10.91 13.02
N ALA A 204 9.19 -11.08 13.34
CA ALA A 204 10.25 -11.01 12.35
C ALA A 204 10.11 -12.16 11.36
N GLU A 205 9.67 -13.35 11.83
CA GLU A 205 9.45 -14.53 10.97
C GLU A 205 8.24 -14.34 10.06
N ARG A 206 7.19 -13.62 10.54
CA ARG A 206 6.03 -13.30 9.73
C ARG A 206 6.50 -12.40 8.57
N GLU A 207 7.45 -11.47 8.88
CA GLU A 207 8.02 -10.54 7.87
C GLU A 207 8.84 -11.30 6.84
N ILE A 208 9.57 -12.35 7.28
CA ILE A 208 10.31 -13.20 6.33
C ILE A 208 9.31 -13.91 5.38
N VAL A 209 8.22 -14.45 5.92
CA VAL A 209 7.21 -15.16 5.11
C VAL A 209 6.57 -14.21 4.12
N ARG A 210 6.29 -12.96 4.56
CA ARG A 210 5.72 -11.97 3.65
C ARG A 210 6.69 -11.73 2.47
N ASP A 211 8.02 -11.67 2.75
CA ASP A 211 9.03 -11.47 1.73
C ASP A 211 9.12 -12.67 0.78
N ILE A 212 9.03 -13.92 1.32
CA ILE A 212 9.03 -15.17 0.53
C ILE A 212 7.86 -15.13 -0.48
N LYS A 213 6.68 -14.76 0.02
CA LYS A 213 5.49 -14.64 -0.78
C LYS A 213 5.70 -13.64 -1.92
N GLU A 214 6.21 -12.43 -1.57
CA GLU A 214 6.41 -11.36 -2.56
C GLU A 214 7.50 -11.64 -3.59
N LYS A 215 8.51 -12.46 -3.23
CA LYS A 215 9.63 -12.77 -4.12
C LYS A 215 9.47 -14.09 -4.87
N LEU A 216 8.88 -15.13 -4.28
CA LEU A 216 8.87 -16.46 -4.92
C LEU A 216 7.51 -17.04 -5.32
N CYS A 217 6.40 -16.48 -4.82
CA CYS A 217 5.11 -17.01 -5.17
C CYS A 217 4.68 -16.67 -6.57
N TYR A 218 3.81 -17.51 -7.17
CA TYR A 218 3.29 -17.26 -8.52
C TYR A 218 1.99 -17.98 -8.65
N VAL A 219 1.23 -17.61 -9.67
CA VAL A 219 -0.04 -18.26 -9.93
C VAL A 219 0.19 -19.27 -11.06
N ALA A 220 -0.13 -20.55 -10.82
CA ALA A 220 -0.03 -21.59 -11.86
C ALA A 220 -1.15 -21.40 -12.89
N LEU A 221 -0.84 -21.67 -14.17
CA LEU A 221 -1.85 -21.57 -15.23
C LEU A 221 -2.81 -22.75 -15.09
N ASP A 222 -2.25 -23.94 -14.80
CA ASP A 222 -3.00 -25.17 -14.58
C ASP A 222 -2.49 -25.67 -13.24
N PHE A 223 -3.28 -25.42 -12.18
CA PHE A 223 -2.90 -25.79 -10.81
C PHE A 223 -2.60 -27.27 -10.61
N GLU A 224 -3.47 -28.16 -11.11
CA GLU A 224 -3.28 -29.62 -10.94
C GLU A 224 -2.09 -30.13 -11.71
N ASN A 225 -1.81 -29.55 -12.90
CA ASN A 225 -0.62 -29.95 -13.65
C ASN A 225 0.64 -29.55 -12.89
N GLU A 226 0.62 -28.36 -12.29
CA GLU A 226 1.71 -27.87 -11.47
C GLU A 226 1.97 -28.73 -10.23
N MET A 227 0.91 -29.20 -9.56
CA MET A 227 1.05 -30.08 -8.39
C MET A 227 1.72 -31.38 -8.76
N ALA A 228 1.32 -32.00 -9.89
CA ALA A 228 1.89 -33.25 -10.40
C ALA A 228 3.36 -33.06 -10.78
N THR A 229 3.74 -31.88 -11.35
CA THR A 229 5.16 -31.61 -11.69
C THR A 229 5.96 -31.50 -10.39
N ALA A 230 5.43 -30.76 -9.42
CA ALA A 230 6.10 -30.53 -8.13
C ALA A 230 6.38 -31.83 -7.37
N ALA A 231 5.48 -32.83 -7.50
CA ALA A 231 5.63 -34.10 -6.79
C ALA A 231 6.62 -35.05 -7.46
N SER A 232 6.85 -34.91 -8.78
CA SER A 232 7.73 -35.80 -9.52
C SER A 232 9.06 -35.16 -9.88
N SER A 233 9.16 -33.86 -9.71
CA SER A 233 10.35 -33.14 -10.19
C SER A 233 10.69 -31.98 -9.27
N SER A 234 11.97 -31.67 -9.14
CA SER A 234 12.34 -30.52 -8.30
C SER A 234 12.50 -29.20 -9.11
N SER A 235 12.02 -29.18 -10.35
CA SER A 235 12.13 -28.05 -11.26
C SER A 235 11.45 -26.74 -10.80
N LEU A 236 10.46 -26.84 -9.92
CA LEU A 236 9.72 -25.69 -9.39
C LEU A 236 10.30 -25.19 -8.07
N GLU A 237 11.35 -25.85 -7.57
CA GLU A 237 11.97 -25.49 -6.31
C GLU A 237 12.78 -24.21 -6.41
N LYS A 238 12.66 -23.34 -5.42
CA LYS A 238 13.39 -22.11 -5.38
C LYS A 238 14.05 -21.90 -4.06
N SER A 239 15.31 -21.46 -4.09
CA SER A 239 16.01 -21.23 -2.84
C SER A 239 15.82 -19.80 -2.37
N TYR A 240 15.78 -19.64 -1.03
CA TYR A 240 15.56 -18.35 -0.39
C TYR A 240 16.55 -18.12 0.74
N GLU A 241 17.21 -16.96 0.70
CA GLU A 241 18.18 -16.59 1.72
C GLU A 241 17.53 -15.81 2.88
N LEU A 242 17.56 -16.42 4.07
CA LEU A 242 17.05 -15.84 5.31
C LEU A 242 17.97 -14.65 5.76
N PRO A 243 17.48 -13.65 6.54
CA PRO A 243 18.34 -12.48 6.90
C PRO A 243 19.71 -12.81 7.50
N ASP A 244 19.82 -13.95 8.20
CA ASP A 244 21.06 -14.42 8.82
C ASP A 244 22.02 -15.14 7.81
N GLY A 245 21.56 -15.37 6.58
CA GLY A 245 22.35 -16.03 5.54
C GLY A 245 22.01 -17.49 5.27
N GLN A 246 21.22 -18.12 6.16
CA GLN A 246 20.75 -19.51 6.03
C GLN A 246 19.88 -19.57 4.74
N VAL A 247 20.00 -20.66 3.96
CA VAL A 247 19.28 -20.83 2.70
C VAL A 247 18.24 -21.93 2.82
N ILE A 248 16.97 -21.61 2.54
CA ILE A 248 15.88 -22.59 2.58
C ILE A 248 15.40 -22.88 1.16
N THR A 249 14.66 -23.99 0.96
CA THR A 249 14.13 -24.36 -0.34
C THR A 249 12.61 -24.48 -0.27
N ILE A 250 11.88 -23.82 -1.20
CA ILE A 250 10.41 -23.76 -1.27
C ILE A 250 9.98 -24.43 -2.57
N GLY A 251 9.02 -25.35 -2.47
CA GLY A 251 8.45 -26.07 -3.61
C GLY A 251 7.04 -25.63 -4.00
N ASN A 252 6.07 -26.55 -3.89
CA ASN A 252 4.68 -26.26 -4.31
C ASN A 252 3.99 -25.16 -3.50
N GLU A 253 4.57 -24.69 -2.36
CA GLU A 253 3.98 -23.59 -1.58
C GLU A 253 3.99 -22.29 -2.39
N ARG A 254 4.94 -22.14 -3.36
CA ARG A 254 5.07 -21.01 -4.27
C ARG A 254 3.75 -20.72 -5.00
N PHE A 255 3.09 -21.75 -5.52
CA PHE A 255 1.85 -21.55 -6.27
C PHE A 255 0.60 -21.91 -5.46
N ARG A 256 0.73 -22.78 -4.41
CA ARG A 256 -0.45 -23.11 -3.55
C ARG A 256 -0.97 -21.88 -2.78
N CYS A 257 -0.04 -21.01 -2.31
CA CYS A 257 -0.40 -19.80 -1.55
C CYS A 257 -1.34 -18.83 -2.38
N PRO A 258 -0.98 -18.31 -3.58
CA PRO A 258 -1.95 -17.45 -4.30
C PRO A 258 -3.09 -18.20 -5.01
N GLU A 259 -3.03 -19.56 -5.07
CA GLU A 259 -4.16 -20.34 -5.64
C GLU A 259 -5.44 -20.06 -4.80
N THR A 260 -5.28 -19.62 -3.54
CA THR A 260 -6.34 -19.26 -2.60
C THR A 260 -7.27 -18.18 -3.16
N LEU A 261 -6.71 -17.25 -3.94
CA LEU A 261 -7.50 -16.19 -4.61
C LEU A 261 -8.53 -16.80 -5.56
N PHE A 262 -8.16 -17.89 -6.25
CA PHE A 262 -9.05 -18.60 -7.18
C PHE A 262 -9.86 -19.67 -6.45
N GLN A 263 -9.30 -20.25 -5.37
CA GLN A 263 -9.94 -21.30 -4.58
C GLN A 263 -9.94 -20.92 -3.09
N PRO A 264 -10.85 -20.01 -2.65
CA PRO A 264 -10.88 -19.62 -1.23
C PRO A 264 -11.09 -20.77 -0.21
N SER A 265 -11.54 -21.93 -0.67
CA SER A 265 -11.69 -23.14 0.15
C SER A 265 -10.34 -23.59 0.72
N PHE A 266 -9.20 -23.17 0.10
CA PHE A 266 -7.85 -23.49 0.60
C PHE A 266 -7.66 -23.00 2.04
N ILE A 267 -8.33 -21.89 2.42
CA ILE A 267 -8.29 -21.38 3.81
C ILE A 267 -9.61 -21.66 4.54
N GLY A 268 -10.43 -22.54 3.95
CA GLY A 268 -11.73 -22.88 4.48
C GLY A 268 -12.76 -21.78 4.30
N MET A 269 -12.48 -20.75 3.45
CA MET A 269 -13.40 -19.64 3.23
C MET A 269 -14.49 -20.06 2.25
N GLU A 270 -15.76 -19.82 2.62
CA GLU A 270 -16.90 -20.14 1.76
C GLU A 270 -17.20 -18.95 0.86
N SER A 271 -16.50 -18.90 -0.28
CA SER A 271 -16.65 -17.80 -1.24
C SER A 271 -16.24 -18.25 -2.61
N ALA A 272 -16.69 -17.52 -3.63
CA ALA A 272 -16.29 -17.71 -5.00
C ALA A 272 -14.89 -17.08 -5.12
N GLY A 273 -14.09 -17.55 -6.06
CA GLY A 273 -12.76 -17.02 -6.33
C GLY A 273 -12.82 -15.71 -7.08
N ILE A 274 -11.68 -15.01 -7.20
CA ILE A 274 -11.62 -13.69 -7.89
C ILE A 274 -12.06 -13.74 -9.36
N HIS A 275 -11.94 -14.89 -10.01
CA HIS A 275 -12.38 -14.97 -11.42
C HIS A 275 -13.91 -14.96 -11.48
N GLU A 276 -14.56 -15.69 -10.56
CA GLU A 276 -16.01 -15.80 -10.49
C GLU A 276 -16.63 -14.49 -10.03
N THR A 277 -16.00 -13.79 -9.07
CA THR A 277 -16.55 -12.50 -8.62
C THR A 277 -16.38 -11.43 -9.72
N THR A 278 -15.30 -11.52 -10.54
CA THR A 278 -15.12 -10.61 -11.70
C THR A 278 -16.26 -10.84 -12.69
N TYR A 279 -16.49 -12.12 -13.03
CA TYR A 279 -17.55 -12.48 -13.96
C TYR A 279 -18.94 -12.02 -13.45
N ASN A 280 -19.24 -12.26 -12.14
CA ASN A 280 -20.51 -11.86 -11.52
C ASN A 280 -20.72 -10.36 -11.49
N SER A 281 -19.64 -9.57 -11.28
CA SER A 281 -19.66 -8.11 -11.29
C SER A 281 -20.01 -7.63 -12.73
N ILE A 282 -19.34 -8.17 -13.75
CA ILE A 282 -19.65 -7.87 -15.17
C ILE A 282 -21.14 -8.18 -15.47
N MET A 283 -21.61 -9.35 -15.03
CA MET A 283 -23.00 -9.78 -15.28
C MET A 283 -24.06 -8.91 -14.60
N LYS A 284 -23.72 -8.19 -13.50
CA LYS A 284 -24.66 -7.30 -12.83
C LYS A 284 -24.91 -6.01 -13.59
N CYS A 285 -23.97 -5.62 -14.46
CA CYS A 285 -24.03 -4.41 -15.29
C CYS A 285 -24.98 -4.62 -16.44
N ASP A 286 -25.46 -3.50 -17.04
CA ASP A 286 -26.32 -3.55 -18.21
C ASP A 286 -25.56 -4.33 -19.31
N ILE A 287 -26.28 -5.15 -20.06
CA ILE A 287 -25.73 -6.00 -21.09
C ILE A 287 -24.84 -5.25 -22.11
N ASP A 288 -25.14 -3.97 -22.41
CA ASP A 288 -24.43 -3.20 -23.44
C ASP A 288 -23.01 -2.78 -23.04
N ILE A 289 -22.72 -2.55 -21.75
CA ILE A 289 -21.36 -2.20 -21.29
C ILE A 289 -20.45 -3.45 -21.11
N ARG A 290 -21.04 -4.67 -20.95
CA ARG A 290 -20.31 -5.90 -20.63
C ARG A 290 -19.11 -6.15 -21.56
N LYS A 291 -19.31 -5.97 -22.87
CA LYS A 291 -18.28 -6.14 -23.90
C LYS A 291 -17.05 -5.26 -23.60
N ASP A 292 -17.25 -4.00 -23.16
CA ASP A 292 -16.12 -3.12 -22.81
C ASP A 292 -15.43 -3.54 -21.52
N LEU A 293 -16.19 -4.13 -20.60
CA LEU A 293 -15.66 -4.59 -19.33
C LEU A 293 -14.78 -5.82 -19.52
N TYR A 294 -15.27 -6.81 -20.32
CA TYR A 294 -14.53 -8.04 -20.63
C TYR A 294 -13.17 -7.74 -21.29
N ALA A 295 -13.11 -6.69 -22.15
CA ALA A 295 -11.88 -6.32 -22.87
C ALA A 295 -10.99 -5.37 -22.06
N ASN A 296 -11.41 -5.03 -20.82
CA ASN A 296 -10.67 -4.09 -19.99
C ASN A 296 -10.65 -4.49 -18.51
N ASN A 297 -10.09 -5.66 -18.22
CA ASN A 297 -9.91 -6.09 -16.83
C ASN A 297 -8.57 -5.55 -16.38
N VAL A 298 -8.58 -4.53 -15.52
CA VAL A 298 -7.36 -3.85 -15.05
C VAL A 298 -7.07 -4.28 -13.61
N MET A 299 -5.84 -4.72 -13.39
CA MET A 299 -5.42 -5.14 -12.06
C MET A 299 -4.70 -4.04 -11.33
N SER A 300 -4.99 -3.91 -10.04
CA SER A 300 -4.30 -2.97 -9.15
C SER A 300 -4.14 -3.59 -7.79
N GLY A 301 -3.12 -3.10 -7.07
CA GLY A 301 -2.87 -3.52 -5.70
C GLY A 301 -1.78 -4.55 -5.64
N GLY A 302 -1.12 -4.59 -4.49
CA GLY A 302 0.00 -5.48 -4.25
C GLY A 302 -0.29 -6.95 -4.46
N THR A 303 -1.51 -7.41 -4.17
CA THR A 303 -1.86 -8.83 -4.30
C THR A 303 -2.13 -9.24 -5.79
N THR A 304 -2.10 -8.30 -6.72
CA THR A 304 -2.20 -8.66 -8.16
C THR A 304 -0.78 -8.73 -8.76
N MET A 305 0.28 -8.61 -7.94
CA MET A 305 1.67 -8.62 -8.39
C MET A 305 2.22 -10.00 -8.76
N TYR A 306 1.52 -11.08 -8.44
CA TYR A 306 2.03 -12.42 -8.72
C TYR A 306 2.32 -12.69 -10.18
N PRO A 307 3.53 -13.19 -10.53
CA PRO A 307 3.74 -13.66 -11.90
C PRO A 307 2.65 -14.73 -12.20
N GLY A 308 2.12 -14.70 -13.42
CA GLY A 308 1.08 -15.64 -13.88
C GLY A 308 -0.36 -15.27 -13.56
N ILE A 309 -0.60 -14.31 -12.67
CA ILE A 309 -1.97 -13.96 -12.29
C ILE A 309 -2.79 -13.43 -13.53
N ALA A 310 -2.19 -12.57 -14.38
CA ALA A 310 -2.86 -12.02 -15.57
C ALA A 310 -3.26 -13.15 -16.55
N ASP A 311 -2.32 -14.10 -16.86
CA ASP A 311 -2.61 -15.24 -17.74
C ASP A 311 -3.68 -16.15 -17.14
N ARG A 312 -3.64 -16.35 -15.81
CA ARG A 312 -4.64 -17.17 -15.15
C ARG A 312 -6.03 -16.53 -15.26
N MET A 313 -6.12 -15.20 -15.03
CA MET A 313 -7.39 -14.47 -15.11
C MET A 313 -7.91 -14.51 -16.55
N GLN A 314 -7.01 -14.40 -17.54
CA GLN A 314 -7.40 -14.47 -18.95
C GLN A 314 -8.04 -15.84 -19.25
N LYS A 315 -7.45 -16.94 -18.74
CA LYS A 315 -7.99 -18.29 -18.91
C LYS A 315 -9.34 -18.45 -18.21
N GLU A 316 -9.44 -18.00 -16.94
CA GLU A 316 -10.66 -18.16 -16.15
C GLU A 316 -11.82 -17.33 -16.69
N ILE A 317 -11.56 -16.07 -17.09
CA ILE A 317 -12.65 -15.24 -17.62
C ILE A 317 -13.10 -15.79 -19.00
N THR A 318 -12.16 -16.30 -19.82
CA THR A 318 -12.49 -16.90 -21.13
C THR A 318 -13.45 -18.07 -20.95
N ALA A 319 -13.19 -18.92 -19.94
CA ALA A 319 -14.00 -20.10 -19.66
C ALA A 319 -15.43 -19.73 -19.26
N LEU A 320 -15.60 -18.61 -18.51
CA LEU A 320 -16.92 -18.16 -18.05
C LEU A 320 -17.69 -17.32 -19.07
N ALA A 321 -17.00 -16.48 -19.85
CA ALA A 321 -17.60 -15.55 -20.81
C ALA A 321 -18.08 -16.24 -22.10
N PRO A 322 -18.95 -15.61 -22.96
CA PRO A 322 -19.34 -16.24 -24.24
C PRO A 322 -18.11 -16.50 -25.12
N SER A 323 -18.13 -17.59 -25.90
CA SER A 323 -16.97 -18.00 -26.73
C SER A 323 -16.45 -16.94 -27.70
N THR A 324 -17.31 -16.03 -28.15
CA THR A 324 -16.93 -14.99 -29.11
C THR A 324 -16.42 -13.71 -28.46
N MET A 325 -16.59 -13.59 -27.13
CA MET A 325 -16.19 -12.40 -26.39
C MET A 325 -14.70 -12.15 -26.40
N LYS A 326 -14.28 -10.91 -26.73
CA LYS A 326 -12.86 -10.53 -26.65
C LYS A 326 -12.59 -10.27 -25.15
N ILE A 327 -11.63 -10.99 -24.58
CA ILE A 327 -11.24 -10.85 -23.19
C ILE A 327 -9.81 -10.29 -23.11
N LYS A 328 -9.57 -9.30 -22.26
CA LYS A 328 -8.23 -8.76 -22.10
C LYS A 328 -7.98 -8.37 -20.65
N ILE A 329 -6.81 -8.76 -20.13
CA ILE A 329 -6.35 -8.45 -18.78
C ILE A 329 -5.18 -7.46 -18.93
N ILE A 330 -5.29 -6.33 -18.26
CA ILE A 330 -4.28 -5.28 -18.27
C ILE A 330 -3.64 -5.30 -16.89
N ALA A 331 -2.33 -5.58 -16.85
CA ALA A 331 -1.61 -5.67 -15.58
C ALA A 331 -0.47 -4.67 -15.62
N PRO A 332 -0.72 -3.37 -15.31
CA PRO A 332 0.36 -2.37 -15.43
C PRO A 332 1.55 -2.68 -14.51
N PRO A 333 2.79 -2.36 -14.94
CA PRO A 333 3.95 -2.70 -14.09
C PRO A 333 3.95 -1.95 -12.76
N GLU A 334 3.26 -0.80 -12.73
CA GLU A 334 3.18 0.08 -11.57
C GLU A 334 2.00 -0.26 -10.64
N ARG A 335 1.21 -1.33 -10.96
CA ARG A 335 -0.04 -1.67 -10.25
C ARG A 335 0.05 -1.81 -8.70
N LYS A 336 1.24 -2.04 -8.13
CA LYS A 336 1.38 -2.13 -6.67
C LYS A 336 1.06 -0.77 -6.01
N TYR A 337 1.41 0.33 -6.70
CA TYR A 337 1.25 1.70 -6.24
C TYR A 337 0.47 2.60 -7.20
N SER A 338 -0.28 2.02 -8.15
CA SER A 338 -1.04 2.78 -9.17
C SER A 338 -2.03 3.77 -8.57
N VAL A 339 -2.71 3.40 -7.45
CA VAL A 339 -3.63 4.31 -6.76
C VAL A 339 -2.86 5.60 -6.32
N TRP A 340 -1.79 5.42 -5.53
CA TRP A 340 -0.96 6.49 -5.03
C TRP A 340 -0.34 7.31 -6.20
N ILE A 341 0.24 6.61 -7.22
CA ILE A 341 0.87 7.29 -8.36
C ILE A 341 -0.13 8.19 -9.11
N GLY A 342 -1.35 7.68 -9.33
CA GLY A 342 -2.44 8.42 -9.96
C GLY A 342 -2.77 9.69 -9.21
N GLY A 343 -2.86 9.58 -7.88
CA GLY A 343 -3.11 10.71 -6.99
C GLY A 343 -1.96 11.69 -7.02
N SER A 344 -0.71 11.17 -7.03
CA SER A 344 0.50 12.01 -7.10
C SER A 344 0.53 12.89 -8.37
N ILE A 345 0.28 12.28 -9.56
CA ILE A 345 0.22 12.96 -10.85
C ILE A 345 -0.82 14.06 -10.80
N LEU A 346 -2.05 13.72 -10.37
CA LEU A 346 -3.18 14.65 -10.29
C LEU A 346 -2.87 15.86 -9.44
N ALA A 347 -2.50 15.63 -8.16
CA ALA A 347 -2.22 16.67 -7.18
C ALA A 347 -1.01 17.57 -7.52
N SER A 348 -0.12 17.11 -8.42
CA SER A 348 1.06 17.86 -8.87
C SER A 348 0.74 18.83 -10.04
N LEU A 349 -0.44 18.68 -10.68
CA LEU A 349 -0.80 19.53 -11.82
C LEU A 349 -1.21 20.92 -11.39
N SER A 350 -0.73 21.92 -12.14
CA SER A 350 -1.06 23.33 -11.92
C SER A 350 -2.57 23.54 -12.05
N THR A 351 -3.21 22.80 -13.00
CA THR A 351 -4.65 22.88 -13.27
C THR A 351 -5.48 22.28 -12.11
N PHE A 352 -4.85 21.47 -11.25
CA PHE A 352 -5.52 20.86 -10.08
C PHE A 352 -5.66 21.81 -8.89
N GLN A 353 -4.79 22.82 -8.80
CA GLN A 353 -4.77 23.75 -7.66
C GLN A 353 -6.08 24.49 -7.43
N GLN A 354 -6.94 24.58 -8.45
CA GLN A 354 -8.26 25.21 -8.38
C GLN A 354 -9.37 24.20 -8.00
N MET A 355 -9.04 22.89 -8.00
CA MET A 355 -9.95 21.78 -7.72
C MET A 355 -10.03 21.36 -6.23
N TRP A 356 -9.07 21.80 -5.40
CA TRP A 356 -9.06 21.50 -3.96
C TRP A 356 -10.27 22.10 -3.26
N ILE A 357 -10.79 21.41 -2.23
CA ILE A 357 -11.86 21.97 -1.40
C ILE A 357 -11.11 22.71 -0.30
N THR A 358 -11.19 24.04 -0.29
CA THR A 358 -10.48 24.86 0.71
C THR A 358 -11.21 24.82 2.05
N LYS A 359 -10.52 25.18 3.14
CA LYS A 359 -11.13 25.29 4.47
C LYS A 359 -12.28 26.32 4.41
N GLN A 360 -12.07 27.44 3.65
CA GLN A 360 -13.06 28.50 3.45
C GLN A 360 -14.34 27.95 2.82
N GLU A 361 -14.19 27.12 1.75
CA GLU A 361 -15.27 26.48 1.00
C GLU A 361 -16.09 25.52 1.85
N TYR A 362 -15.40 24.74 2.71
CA TYR A 362 -16.01 23.78 3.63
C TYR A 362 -16.88 24.50 4.68
N ASP A 363 -16.36 25.59 5.28
CA ASP A 363 -17.07 26.44 6.26
C ASP A 363 -18.38 27.03 5.69
N GLU A 364 -18.38 27.45 4.41
CA GLU A 364 -19.51 28.08 3.73
C GLU A 364 -20.59 27.13 3.19
N ALA A 365 -20.20 26.07 2.44
CA ALA A 365 -21.14 25.14 1.82
C ALA A 365 -21.57 23.96 2.70
N GLY A 366 -20.84 23.71 3.78
CA GLY A 366 -21.12 22.63 4.70
C GLY A 366 -20.53 21.29 4.27
N PRO A 367 -20.99 20.16 4.84
CA PRO A 367 -20.39 18.85 4.49
C PRO A 367 -20.71 18.31 3.09
N SER A 368 -21.84 18.74 2.48
CA SER A 368 -22.28 18.27 1.16
C SER A 368 -21.30 18.59 -0.01
N ILE A 369 -20.31 19.48 0.22
CA ILE A 369 -19.35 19.93 -0.80
C ILE A 369 -18.43 18.79 -1.31
N VAL A 370 -18.14 17.77 -0.47
CA VAL A 370 -17.29 16.64 -0.88
C VAL A 370 -17.91 15.77 -1.97
N HIS A 371 -19.26 15.68 -2.02
CA HIS A 371 -19.96 14.90 -3.03
C HIS A 371 -20.14 15.70 -4.35
N ARG A 372 -20.09 17.05 -4.28
CA ARG A 372 -20.23 17.96 -5.42
C ARG A 372 -18.90 18.14 -6.17
N LYS A 373 -17.79 18.38 -5.43
CA LYS A 373 -16.44 18.50 -5.98
C LYS A 373 -15.89 17.07 -6.11
N CYS A 374 -15.94 16.50 -7.33
CA CYS A 374 -15.55 15.10 -7.59
C CYS A 374 -14.52 14.91 -8.71
N PHE A 375 -14.10 13.62 -8.91
CA PHE A 375 -13.18 13.18 -9.96
C PHE A 375 -13.74 11.96 -10.69
N GLN B 1 -16.27 16.84 -13.63
CA GLN B 1 -15.36 15.71 -13.45
C GLN B 1 -14.11 15.81 -14.34
N GLY B 2 -13.01 15.18 -13.89
CA GLY B 2 -11.72 15.18 -14.56
C GLY B 2 -10.95 16.47 -14.40
N VAL B 3 -9.81 16.58 -15.11
CA VAL B 3 -8.96 17.78 -15.13
C VAL B 3 -9.11 18.50 -16.46
N ALA B 4 -9.40 19.80 -16.42
CA ALA B 4 -9.59 20.63 -17.61
C ALA B 4 -8.30 21.31 -18.09
N PHE B 5 -7.78 20.85 -19.24
CA PHE B 5 -6.60 21.43 -19.89
C PHE B 5 -7.11 22.36 -21.01
N PRO B 6 -6.71 23.65 -21.02
CA PRO B 6 -7.19 24.56 -22.08
C PRO B 6 -6.83 24.07 -23.49
N ILE B 7 -7.83 24.13 -24.38
CA ILE B 7 -7.71 23.73 -25.77
C ILE B 7 -7.20 24.92 -26.55
N SER B 8 -6.17 24.72 -27.41
CA SER B 8 -5.61 25.81 -28.20
C SER B 8 -6.63 26.37 -29.19
N ARG B 9 -6.37 27.60 -29.65
CA ARG B 9 -7.16 28.31 -30.65
C ARG B 9 -7.23 27.46 -31.94
N ASP B 10 -6.09 26.90 -32.39
CA ASP B 10 -6.01 26.08 -33.61
C ASP B 10 -6.79 24.78 -33.50
N ALA B 11 -6.76 24.14 -32.32
CA ALA B 11 -7.50 22.91 -32.06
C ALA B 11 -9.00 23.21 -32.09
N PHE B 12 -9.42 24.30 -31.42
CA PHE B 12 -10.81 24.73 -31.41
C PHE B 12 -11.36 24.99 -32.83
N GLN B 13 -10.59 25.74 -33.66
CA GLN B 13 -10.96 26.09 -35.03
C GLN B 13 -11.03 24.86 -35.91
N ALA B 14 -10.13 23.87 -35.70
CA ALA B 14 -10.13 22.60 -36.43
C ALA B 14 -11.43 21.83 -36.11
N LEU B 15 -11.79 21.76 -34.82
CA LEU B 15 -13.01 21.12 -34.34
C LEU B 15 -14.25 21.82 -34.88
N GLU B 16 -14.22 23.16 -35.01
CA GLU B 16 -15.31 23.98 -35.58
C GLU B 16 -15.54 23.54 -37.05
N LYS B 17 -14.45 23.36 -37.80
CA LYS B 17 -14.51 22.93 -39.20
C LYS B 17 -15.10 21.52 -39.33
N LEU B 18 -14.71 20.59 -38.44
CA LEU B 18 -15.23 19.22 -38.41
C LEU B 18 -16.77 19.22 -38.14
N SER B 19 -17.23 20.11 -37.22
CA SER B 19 -18.67 20.24 -36.90
C SER B 19 -19.48 20.74 -38.12
N LYS B 20 -18.82 21.44 -39.05
CA LYS B 20 -19.41 21.94 -40.29
C LYS B 20 -19.07 20.99 -41.45
N LYS B 21 -18.34 19.88 -41.15
CA LYS B 21 -17.95 18.89 -42.16
C LYS B 21 -17.04 19.51 -43.26
N GLN B 22 -16.27 20.57 -42.89
CA GLN B 22 -15.25 21.22 -43.73
C GLN B 22 -13.98 20.33 -43.61
N LEU B 23 -13.84 19.61 -42.49
CA LEU B 23 -12.78 18.64 -42.22
C LEU B 23 -13.44 17.31 -41.88
N ASN B 24 -12.71 16.19 -41.97
CA ASN B 24 -13.27 14.87 -41.67
C ASN B 24 -12.45 14.16 -40.60
N TYR B 25 -11.36 14.80 -40.16
CA TYR B 25 -10.46 14.21 -39.17
C TYR B 25 -9.72 15.25 -38.37
N VAL B 26 -9.75 15.16 -37.04
CA VAL B 26 -9.04 16.06 -36.13
C VAL B 26 -8.29 15.23 -35.06
N GLN B 27 -6.95 15.34 -35.02
CA GLN B 27 -6.13 14.64 -34.04
C GLN B 27 -5.65 15.66 -33.02
N LEU B 28 -5.89 15.39 -31.72
CA LEU B 28 -5.45 16.27 -30.64
C LEU B 28 -4.45 15.59 -29.76
N GLU B 29 -3.46 16.37 -29.31
CA GLU B 29 -2.44 15.88 -28.40
C GLU B 29 -2.35 16.74 -27.16
N ILE B 30 -1.92 16.13 -26.07
CA ILE B 30 -1.75 16.82 -24.81
C ILE B 30 -0.32 17.26 -24.73
N ASP B 31 -0.12 18.54 -24.44
CA ASP B 31 1.21 19.06 -24.16
C ASP B 31 1.32 18.90 -22.64
N ILE B 32 1.99 17.81 -22.21
CA ILE B 32 2.11 17.39 -20.81
C ILE B 32 2.71 18.51 -19.91
N LYS B 33 3.85 19.08 -20.32
CA LYS B 33 4.55 20.13 -19.59
C LYS B 33 3.73 21.42 -19.46
N ASN B 34 3.00 21.80 -20.53
CA ASN B 34 2.23 23.04 -20.53
C ASN B 34 0.81 22.89 -20.04
N GLU B 35 0.36 21.63 -19.81
CA GLU B 35 -0.99 21.28 -19.35
C GLU B 35 -2.06 21.89 -20.28
N THR B 36 -1.88 21.67 -21.59
CA THR B 36 -2.76 22.18 -22.65
C THR B 36 -3.08 21.07 -23.67
N ILE B 37 -4.20 21.21 -24.40
CA ILE B 37 -4.61 20.32 -25.49
C ILE B 37 -4.37 21.11 -26.77
N ILE B 38 -3.48 20.57 -27.62
CA ILE B 38 -3.05 21.22 -28.86
C ILE B 38 -3.47 20.41 -30.11
N LEU B 39 -3.42 21.05 -31.28
CA LEU B 39 -3.76 20.40 -32.54
C LEU B 39 -2.56 19.64 -33.06
N ALA B 40 -2.75 18.37 -33.42
CA ALA B 40 -1.66 17.56 -33.98
C ALA B 40 -1.79 17.41 -35.49
N ASN B 41 -3.00 17.15 -36.01
CA ASN B 41 -3.21 16.86 -37.43
C ASN B 41 -4.68 17.00 -37.81
N THR B 42 -4.95 17.44 -39.06
CA THR B 42 -6.30 17.52 -39.61
C THR B 42 -6.33 16.88 -41.01
N GLU B 43 -5.40 15.95 -41.28
CA GLU B 43 -5.20 15.25 -42.56
C GLU B 43 -6.50 14.68 -43.08
N ASN B 44 -6.70 14.78 -44.41
CA ASN B 44 -7.86 14.21 -45.06
C ASN B 44 -7.86 12.72 -44.79
N THR B 45 -8.96 12.21 -44.24
CA THR B 45 -9.02 10.81 -43.85
C THR B 45 -10.32 10.14 -44.21
N GLU B 46 -10.26 9.17 -45.12
CA GLU B 46 -11.41 8.34 -45.45
C GLU B 46 -11.28 7.16 -44.50
N LEU B 47 -12.38 6.43 -44.26
CA LEU B 47 -12.39 5.27 -43.36
C LEU B 47 -11.26 4.27 -43.67
N ARG B 48 -10.98 3.98 -44.96
CA ARG B 48 -9.90 3.04 -45.32
C ARG B 48 -8.50 3.47 -44.82
N ASP B 49 -8.27 4.79 -44.64
CA ASP B 49 -6.98 5.27 -44.17
C ASP B 49 -6.94 5.63 -42.69
N LEU B 50 -8.07 5.50 -41.96
CA LEU B 50 -8.11 5.82 -40.53
C LEU B 50 -7.07 5.02 -39.69
N PRO B 51 -6.82 3.70 -39.92
CA PRO B 51 -5.79 3.00 -39.12
C PRO B 51 -4.40 3.67 -39.16
N LYS B 52 -4.06 4.30 -40.30
CA LYS B 52 -2.76 4.98 -40.52
C LYS B 52 -2.56 6.19 -39.62
N ARG B 53 -3.66 6.79 -39.12
CA ARG B 53 -3.69 7.99 -38.30
C ARG B 53 -3.43 7.77 -36.81
N ILE B 54 -3.51 6.52 -36.33
CA ILE B 54 -3.34 6.17 -34.92
C ILE B 54 -1.85 5.93 -34.57
N PRO B 55 -1.17 6.82 -33.82
CA PRO B 55 0.26 6.59 -33.54
C PRO B 55 0.49 5.37 -32.65
N LYS B 56 1.59 4.66 -32.89
CA LYS B 56 1.92 3.47 -32.10
C LYS B 56 2.76 3.85 -30.88
N ASP B 57 3.39 5.03 -30.90
CA ASP B 57 4.34 5.40 -29.85
C ASP B 57 3.78 6.33 -28.78
N SER B 58 2.54 6.81 -28.95
CA SER B 58 1.97 7.75 -28.00
C SER B 58 0.46 7.71 -28.00
N ALA B 59 -0.15 8.22 -26.91
CA ALA B 59 -1.61 8.33 -26.80
C ALA B 59 -2.09 9.59 -27.56
N ARG B 60 -3.31 9.53 -28.07
CA ARG B 60 -3.91 10.64 -28.82
C ARG B 60 -5.41 10.64 -28.65
N TYR B 61 -6.03 11.80 -28.92
CA TYR B 61 -7.47 11.98 -29.02
C TYR B 61 -7.74 12.16 -30.52
N HIS B 62 -8.87 11.62 -31.00
CA HIS B 62 -9.25 11.75 -32.42
C HIS B 62 -10.72 12.04 -32.53
N PHE B 63 -11.09 12.92 -33.47
CA PHE B 63 -12.48 13.19 -33.79
C PHE B 63 -12.55 12.86 -35.25
N PHE B 64 -13.38 11.86 -35.60
CA PHE B 64 -13.44 11.35 -36.98
C PHE B 64 -14.84 11.42 -37.56
N LEU B 65 -14.96 11.89 -38.81
CA LEU B 65 -16.25 11.93 -39.48
C LEU B 65 -16.49 10.57 -40.13
N TYR B 66 -17.38 9.77 -39.52
CA TYR B 66 -17.68 8.41 -39.95
C TYR B 66 -18.91 8.41 -40.89
N LYS B 67 -18.61 8.37 -42.18
CA LYS B 67 -19.60 8.39 -43.25
C LYS B 67 -19.99 6.95 -43.60
N HIS B 68 -21.27 6.58 -43.36
CA HIS B 68 -21.71 5.21 -43.55
C HIS B 68 -23.21 5.11 -43.67
N SER B 69 -23.67 4.00 -44.21
CA SER B 69 -25.09 3.74 -44.32
C SER B 69 -25.54 2.94 -43.09
N HIS B 70 -26.76 3.22 -42.65
CA HIS B 70 -27.42 2.54 -41.55
C HIS B 70 -28.93 2.65 -41.73
N GLU B 71 -29.59 1.49 -42.02
CA GLU B 71 -31.04 1.35 -42.21
C GLU B 71 -31.65 2.36 -43.18
N GLY B 72 -31.06 2.42 -44.38
CA GLY B 72 -31.52 3.29 -45.45
C GLY B 72 -31.00 4.71 -45.41
N ASP B 73 -30.41 5.14 -44.29
CA ASP B 73 -29.87 6.49 -44.15
C ASP B 73 -28.37 6.54 -44.37
N TYR B 74 -27.88 7.66 -44.91
CA TYR B 74 -26.45 7.89 -45.03
C TYR B 74 -26.09 8.84 -43.92
N LEU B 75 -25.36 8.33 -42.93
CA LEU B 75 -24.96 9.08 -41.75
C LEU B 75 -23.54 9.58 -41.89
N GLU B 76 -23.30 10.80 -41.39
CA GLU B 76 -21.98 11.44 -41.35
C GLU B 76 -21.82 11.79 -39.87
N SER B 77 -21.38 10.79 -39.09
CA SER B 77 -21.35 10.83 -37.64
C SER B 77 -19.98 11.10 -37.03
N VAL B 78 -19.90 11.99 -36.03
CA VAL B 78 -18.62 12.26 -35.35
C VAL B 78 -18.36 11.15 -34.32
N VAL B 79 -17.25 10.45 -34.49
CA VAL B 79 -16.80 9.41 -33.56
C VAL B 79 -15.59 9.96 -32.80
N PHE B 80 -15.56 9.81 -31.47
CA PHE B 80 -14.40 10.21 -30.69
C PHE B 80 -13.60 8.95 -30.38
N ILE B 81 -12.26 9.06 -30.51
CA ILE B 81 -11.35 7.95 -30.22
C ILE B 81 -10.23 8.38 -29.25
N TYR B 82 -10.08 7.63 -28.16
CA TYR B 82 -8.96 7.82 -27.25
C TYR B 82 -8.10 6.59 -27.54
N SER B 83 -6.98 6.81 -28.23
CA SER B 83 -6.05 5.74 -28.55
C SER B 83 -4.89 5.75 -27.57
N MET B 84 -4.60 4.59 -26.99
CA MET B 84 -3.55 4.44 -25.98
C MET B 84 -2.81 3.13 -26.34
N PRO B 85 -1.62 3.24 -26.97
CA PRO B 85 -0.95 2.03 -27.49
C PRO B 85 -0.33 1.06 -26.47
N GLY B 86 -0.27 1.45 -25.20
CA GLY B 86 0.25 0.58 -24.16
C GLY B 86 1.37 1.16 -23.32
N TYR B 87 2.34 0.30 -22.94
CA TYR B 87 3.43 0.71 -22.05
C TYR B 87 4.51 1.57 -22.72
N THR B 88 4.37 1.90 -24.04
CA THR B 88 5.26 2.87 -24.68
C THR B 88 4.95 4.24 -24.05
N CYS B 89 3.71 4.40 -23.52
CA CYS B 89 3.26 5.61 -22.87
C CYS B 89 3.68 5.57 -21.42
N SER B 90 4.22 6.68 -20.91
CA SER B 90 4.59 6.80 -19.49
C SER B 90 3.29 6.82 -18.67
N ILE B 91 3.36 6.53 -17.37
CA ILE B 91 2.18 6.54 -16.51
C ILE B 91 1.55 7.96 -16.45
N ARG B 92 2.38 9.06 -16.49
CA ARG B 92 1.87 10.44 -16.54
C ARG B 92 1.05 10.67 -17.83
N GLU B 93 1.56 10.16 -18.97
CA GLU B 93 0.84 10.29 -20.23
C GLU B 93 -0.53 9.57 -20.17
N ARG B 94 -0.55 8.33 -19.65
CA ARG B 94 -1.78 7.52 -19.50
C ARG B 94 -2.75 8.22 -18.57
N MET B 95 -2.24 8.70 -17.38
CA MET B 95 -3.04 9.44 -16.42
C MET B 95 -3.67 10.71 -16.99
N LEU B 96 -2.89 11.52 -17.73
CA LEU B 96 -3.41 12.79 -18.27
C LEU B 96 -4.41 12.59 -19.42
N TYR B 97 -4.16 11.67 -20.36
CA TYR B 97 -5.14 11.40 -21.43
C TYR B 97 -6.45 10.87 -20.84
N SER B 98 -6.38 10.03 -19.79
CA SER B 98 -7.57 9.53 -19.13
C SER B 98 -8.30 10.65 -18.40
N SER B 99 -7.58 11.43 -17.57
CA SER B 99 -8.15 12.51 -16.76
C SER B 99 -8.70 13.70 -17.55
N CYS B 100 -8.14 13.98 -18.72
CA CYS B 100 -8.56 15.13 -19.51
C CYS B 100 -9.67 14.86 -20.52
N LYS B 101 -9.99 13.56 -20.75
CA LYS B 101 -11.00 13.13 -21.74
CA LYS B 101 -10.98 13.14 -21.73
C LYS B 101 -12.38 13.76 -21.51
N SER B 102 -12.96 13.59 -20.31
CA SER B 102 -14.31 14.11 -20.03
C SER B 102 -14.46 15.64 -20.18
N PRO B 103 -13.62 16.52 -19.55
CA PRO B 103 -13.79 17.97 -19.76
C PRO B 103 -13.66 18.39 -21.23
N LEU B 104 -12.81 17.69 -22.01
CA LEU B 104 -12.64 17.97 -23.43
C LEU B 104 -13.96 17.67 -24.18
N LEU B 105 -14.57 16.53 -23.90
CA LEU B 105 -15.83 16.13 -24.53
C LEU B 105 -16.99 17.01 -24.07
N GLU B 106 -16.98 17.45 -22.80
CA GLU B 106 -18.00 18.36 -22.27
C GLU B 106 -17.94 19.71 -22.98
N ILE B 107 -16.74 20.28 -23.19
CA ILE B 107 -16.59 21.59 -23.81
C ILE B 107 -16.89 21.53 -25.34
N VAL B 108 -16.54 20.42 -26.00
CA VAL B 108 -16.78 20.20 -27.44
C VAL B 108 -18.30 20.13 -27.74
N GLU B 109 -19.07 19.44 -26.87
CA GLU B 109 -20.53 19.41 -27.02
C GLU B 109 -21.17 20.77 -26.68
N ARG B 110 -20.76 21.40 -25.55
CA ARG B 110 -21.29 22.69 -25.10
C ARG B 110 -21.01 23.85 -26.05
N GLN B 111 -19.76 24.00 -26.52
CA GLN B 111 -19.38 25.14 -27.37
C GLN B 111 -19.54 24.90 -28.86
N LEU B 112 -19.57 23.63 -29.33
CA LEU B 112 -19.69 23.38 -30.78
C LEU B 112 -20.85 22.50 -31.21
N GLN B 113 -21.62 21.90 -30.26
CA GLN B 113 -22.74 20.98 -30.55
C GLN B 113 -22.24 19.91 -31.53
N MET B 114 -21.08 19.32 -31.22
CA MET B 114 -20.42 18.33 -32.06
C MET B 114 -21.28 17.07 -32.27
N ASP B 115 -22.15 16.75 -31.28
CA ASP B 115 -23.01 15.57 -31.28
C ASP B 115 -22.15 14.33 -31.53
N VAL B 116 -21.26 14.04 -30.60
CA VAL B 116 -20.40 12.86 -30.75
C VAL B 116 -21.31 11.63 -30.63
N ILE B 117 -21.36 10.80 -31.65
CA ILE B 117 -22.23 9.61 -31.70
C ILE B 117 -21.70 8.49 -30.81
N ARG B 118 -20.38 8.38 -30.70
CA ARG B 118 -19.76 7.28 -29.97
C ARG B 118 -18.36 7.65 -29.52
N LYS B 119 -18.01 7.24 -28.30
CA LYS B 119 -16.67 7.43 -27.72
C LYS B 119 -16.04 6.03 -27.63
N ILE B 120 -14.89 5.87 -28.28
CA ILE B 120 -14.20 4.58 -28.36
C ILE B 120 -12.79 4.69 -27.75
N GLU B 121 -12.35 3.59 -27.12
CA GLU B 121 -11.04 3.51 -26.49
C GLU B 121 -10.32 2.33 -27.12
N ILE B 122 -9.21 2.59 -27.83
CA ILE B 122 -8.50 1.53 -28.56
C ILE B 122 -7.02 1.47 -28.23
N ASP B 123 -6.42 0.32 -28.49
CA ASP B 123 -5.00 0.03 -28.31
C ASP B 123 -4.21 0.35 -29.61
N ASN B 124 -4.80 0.08 -30.79
CA ASN B 124 -4.09 0.31 -32.05
C ASN B 124 -5.00 0.55 -33.23
N GLY B 125 -4.44 1.22 -34.24
CA GLY B 125 -5.16 1.59 -35.46
C GLY B 125 -5.75 0.44 -36.25
N ASP B 126 -5.04 -0.71 -36.30
CA ASP B 126 -5.49 -1.90 -37.05
C ASP B 126 -6.90 -2.37 -36.69
N GLU B 127 -7.37 -2.15 -35.45
CA GLU B 127 -8.71 -2.58 -35.10
C GLU B 127 -9.82 -1.68 -35.70
N LEU B 128 -9.48 -0.50 -36.27
CA LEU B 128 -10.46 0.43 -36.87
C LEU B 128 -10.89 0.05 -38.28
N THR B 129 -11.51 -1.14 -38.42
CA THR B 129 -12.06 -1.63 -39.67
C THR B 129 -13.47 -1.03 -39.80
N ALA B 130 -14.09 -1.14 -40.98
CA ALA B 130 -15.46 -0.67 -41.22
C ALA B 130 -16.44 -1.46 -40.34
N ASP B 131 -16.20 -2.77 -40.17
CA ASP B 131 -17.01 -3.68 -39.34
C ASP B 131 -16.97 -3.30 -37.88
N PHE B 132 -15.77 -3.02 -37.37
CA PHE B 132 -15.57 -2.61 -35.98
C PHE B 132 -16.27 -1.29 -35.71
N LEU B 133 -16.11 -0.31 -36.60
CA LEU B 133 -16.71 1.01 -36.40
C LEU B 133 -18.23 0.92 -36.46
N TYR B 134 -18.76 0.12 -37.42
CA TYR B 134 -20.20 -0.07 -37.55
C TYR B 134 -20.80 -0.71 -36.28
N ASP B 135 -20.17 -1.77 -35.77
CA ASP B 135 -20.62 -2.52 -34.60
C ASP B 135 -20.48 -1.71 -33.31
N GLU B 136 -19.53 -0.78 -33.25
CA GLU B 136 -19.36 0.12 -32.12
C GLU B 136 -20.49 1.15 -32.06
N VAL B 137 -20.77 1.82 -33.20
CA VAL B 137 -21.78 2.86 -33.31
C VAL B 137 -23.20 2.30 -33.29
N HIS B 138 -23.42 1.18 -34.00
CA HIS B 138 -24.73 0.52 -34.09
C HIS B 138 -24.65 -0.92 -33.49
N PRO B 139 -24.45 -1.09 -32.16
CA PRO B 139 -24.37 -2.46 -31.61
C PRO B 139 -25.71 -3.16 -31.58
N LYS B 140 -25.78 -4.40 -32.15
CA LYS B 140 -26.98 -5.27 -32.18
C LYS B 140 -28.16 -4.63 -32.92
N ALA C 1 29.92 -9.43 44.38
CA ALA C 1 29.18 -9.76 45.61
C ALA C 1 28.74 -11.23 45.58
N VAL C 2 27.42 -11.47 45.59
CA VAL C 2 26.81 -12.79 45.51
C VAL C 2 26.95 -13.31 44.05
N PRO C 3 26.87 -14.64 43.80
CA PRO C 3 27.04 -15.15 42.42
C PRO C 3 26.22 -14.45 41.32
N TYR C 4 25.01 -13.95 41.62
CA TYR C 4 24.23 -13.33 40.56
C TYR C 4 24.69 -11.89 40.26
N VAL C 5 25.32 -11.19 41.25
CA VAL C 5 25.87 -9.85 41.01
C VAL C 5 27.13 -10.01 40.12
N GLN C 6 28.00 -10.98 40.48
CA GLN C 6 29.22 -11.34 39.74
C GLN C 6 28.89 -11.68 38.29
N ALA C 7 27.82 -12.51 38.07
CA ALA C 7 27.36 -12.93 36.76
C ALA C 7 26.83 -11.76 35.92
N PHE C 8 26.22 -10.75 36.59
CA PHE C 8 25.72 -9.59 35.86
C PHE C 8 26.85 -8.68 35.41
N ASP C 9 27.92 -8.58 36.23
CA ASP C 9 29.13 -7.82 35.92
C ASP C 9 29.84 -8.46 34.72
N SER C 10 29.72 -9.80 34.56
CA SER C 10 30.29 -10.53 33.45
C SER C 10 29.49 -10.21 32.17
N LEU C 11 28.15 -10.09 32.30
CA LEU C 11 27.25 -9.71 31.22
C LEU C 11 27.62 -8.28 30.74
N LEU C 12 27.93 -7.36 31.68
CA LEU C 12 28.33 -5.98 31.37
C LEU C 12 29.70 -5.93 30.65
N ALA C 13 30.63 -6.78 31.11
CA ALA C 13 31.99 -6.86 30.59
C ALA C 13 32.08 -7.62 29.26
N ASN C 14 31.09 -8.46 28.91
CA ASN C 14 31.20 -9.23 27.68
C ASN C 14 30.21 -8.79 26.53
N PRO C 15 28.93 -9.26 26.41
CA PRO C 15 28.10 -8.81 25.26
C PRO C 15 27.83 -7.31 25.24
N VAL C 16 27.72 -6.66 26.42
CA VAL C 16 27.44 -5.22 26.54
C VAL C 16 28.63 -4.41 26.01
N ALA C 17 29.86 -4.79 26.44
CA ALA C 17 31.10 -4.15 25.99
C ALA C 17 31.26 -4.30 24.46
N GLU C 18 30.90 -5.48 23.91
CA GLU C 18 30.93 -5.72 22.46
C GLU C 18 29.91 -4.81 21.74
N TYR C 19 28.72 -4.64 22.32
CA TYR C 19 27.68 -3.76 21.78
C TYR C 19 28.15 -2.30 21.76
N LEU C 20 28.77 -1.83 22.88
CA LEU C 20 29.32 -0.49 23.03
C LEU C 20 30.43 -0.23 22.01
N LYS C 21 31.32 -1.24 21.79
CA LYS C 21 32.42 -1.21 20.82
C LYS C 21 31.88 -1.08 19.37
N MET C 22 30.87 -1.90 19.00
CA MET C 22 30.30 -1.82 17.66
C MET C 22 29.52 -0.52 17.43
N SER C 23 28.81 -0.03 18.48
CA SER C 23 28.06 1.23 18.39
C SER C 23 29.00 2.42 18.13
N LYS C 24 30.21 2.37 18.72
CA LYS C 24 31.27 3.37 18.55
C LYS C 24 31.80 3.35 17.11
N GLU C 25 31.90 2.15 16.49
CA GLU C 25 32.35 1.97 15.10
C GLU C 25 31.35 2.62 14.12
N ILE C 26 30.04 2.52 14.41
CA ILE C 26 28.99 3.13 13.59
C ILE C 26 28.93 4.64 13.87
N GLY C 27 29.04 5.00 15.15
CA GLY C 27 29.03 6.38 15.61
C GLY C 27 27.66 7.02 15.55
N GLY C 28 27.66 8.36 15.51
CA GLY C 28 26.46 9.19 15.43
C GLY C 28 25.39 8.83 16.44
N ASP C 29 24.14 8.68 15.96
CA ASP C 29 22.98 8.34 16.78
C ASP C 29 23.08 7.00 17.49
N VAL C 30 23.69 6.01 16.82
CA VAL C 30 23.89 4.65 17.33
C VAL C 30 24.78 4.68 18.55
N GLN C 31 25.90 5.42 18.48
CA GLN C 31 26.83 5.58 19.59
C GLN C 31 26.12 6.27 20.76
N LYS C 32 25.38 7.37 20.49
CA LYS C 32 24.64 8.12 21.51
C LYS C 32 23.59 7.25 22.20
N HIS C 33 22.88 6.43 21.42
CA HIS C 33 21.85 5.53 21.96
C HIS C 33 22.48 4.47 22.88
N ALA C 34 23.63 3.91 22.46
CA ALA C 34 24.38 2.89 23.22
C ALA C 34 24.74 3.37 24.60
N GLU C 35 25.22 4.63 24.72
CA GLU C 35 25.58 5.17 26.04
C GLU C 35 24.37 5.22 27.00
N MET C 36 23.16 5.46 26.45
CA MET C 36 21.91 5.49 27.24
C MET C 36 21.51 4.08 27.66
N VAL C 37 21.74 3.07 26.79
CA VAL C 37 21.46 1.65 27.06
C VAL C 37 22.39 1.19 28.17
N HIS C 38 23.67 1.57 28.06
CA HIS C 38 24.71 1.28 29.04
C HIS C 38 24.34 1.82 30.44
N THR C 39 23.88 3.09 30.51
CA THR C 39 23.43 3.76 31.73
C THR C 39 22.28 2.93 32.36
N GLY C 40 21.35 2.43 31.52
CA GLY C 40 20.24 1.58 31.92
C GLY C 40 20.72 0.28 32.55
N LEU C 41 21.65 -0.42 31.87
CA LEU C 41 22.24 -1.67 32.34
C LEU C 41 23.04 -1.50 33.64
N LYS C 42 23.70 -0.33 33.79
CA LYS C 42 24.44 -0.01 35.02
C LYS C 42 23.45 0.26 36.16
N LEU C 43 22.29 0.90 35.86
CA LEU C 43 21.20 1.14 36.83
C LEU C 43 20.56 -0.20 37.29
N GLU C 44 20.48 -1.17 36.36
CA GLU C 44 19.99 -2.53 36.66
C GLU C 44 20.96 -3.24 37.59
N ARG C 45 22.29 -3.13 37.32
CA ARG C 45 23.33 -3.76 38.13
C ARG C 45 23.21 -3.24 39.57
N ALA C 46 23.01 -1.91 39.75
CA ALA C 46 22.86 -1.31 41.09
C ALA C 46 21.64 -1.89 41.80
N LEU C 47 20.49 -2.07 41.09
CA LEU C 47 19.30 -2.68 41.70
C LEU C 47 19.55 -4.16 42.09
N LEU C 48 20.31 -4.90 41.26
CA LEU C 48 20.66 -6.30 41.57
C LEU C 48 21.52 -6.37 42.81
N ALA C 49 22.46 -5.43 43.00
CA ALA C 49 23.33 -5.35 44.19
C ALA C 49 22.53 -5.02 45.45
N THR C 50 21.46 -4.20 45.32
CA THR C 50 20.58 -3.83 46.44
C THR C 50 19.72 -5.06 46.82
N ALA C 51 19.15 -5.74 45.81
CA ALA C 51 18.31 -6.91 45.96
C ALA C 51 19.05 -8.12 46.54
N SER C 52 20.37 -8.21 46.28
CA SER C 52 21.22 -9.30 46.76
C SER C 52 21.39 -9.31 48.29
N GLN C 53 21.30 -8.13 48.93
CA GLN C 53 21.48 -8.00 50.37
C GLN C 53 20.31 -7.29 51.08
N SER C 54 19.09 -7.38 50.50
CA SER C 54 17.88 -6.82 51.09
C SER C 54 16.65 -7.64 50.68
N GLN C 55 15.70 -7.76 51.61
CA GLN C 55 14.44 -8.49 51.43
C GLN C 55 13.51 -7.73 50.49
N GLN C 56 12.55 -8.44 49.86
CA GLN C 56 11.59 -7.86 48.92
C GLN C 56 10.76 -6.71 49.54
N PRO C 57 10.92 -5.46 49.03
CA PRO C 57 10.15 -4.33 49.58
C PRO C 57 8.80 -4.17 48.89
N ALA C 58 8.00 -3.19 49.36
CA ALA C 58 6.66 -2.93 48.83
C ALA C 58 6.37 -1.43 48.70
N GLY C 59 5.37 -1.10 47.88
CA GLY C 59 4.87 0.25 47.64
C GLY C 59 5.89 1.30 47.25
N ASN C 60 6.02 2.33 48.12
CA ASN C 60 6.91 3.48 47.92
C ASN C 60 8.40 3.11 47.85
N LYS C 61 8.86 2.22 48.75
CA LYS C 61 10.25 1.75 48.80
C LYS C 61 10.61 1.00 47.50
N LEU C 62 9.70 0.12 47.02
CA LEU C 62 9.85 -0.64 45.78
C LEU C 62 9.75 0.27 44.54
N SER C 63 8.80 1.26 44.54
CA SER C 63 8.66 2.22 43.43
C SER C 63 9.92 3.07 43.28
N ASP C 64 10.48 3.57 44.41
CA ASP C 64 11.71 4.36 44.47
C ASP C 64 12.88 3.52 43.96
N LEU C 65 12.87 2.19 44.26
CA LEU C 65 13.92 1.28 43.82
C LEU C 65 13.93 1.03 42.33
N LEU C 66 12.74 0.87 41.72
CA LEU C 66 12.57 0.59 40.29
C LEU C 66 12.51 1.86 39.42
N ALA C 67 12.21 3.04 40.00
CA ALA C 67 12.07 4.30 39.26
C ALA C 67 13.30 4.70 38.40
N PRO C 68 14.58 4.58 38.85
CA PRO C 68 15.69 4.97 37.97
C PRO C 68 15.77 4.16 36.68
N ILE C 69 15.49 2.84 36.74
CA ILE C 69 15.47 1.95 35.56
C ILE C 69 14.33 2.38 34.63
N SER C 70 13.11 2.53 35.20
CA SER C 70 11.91 2.94 34.45
C SER C 70 12.15 4.24 33.71
N GLU C 71 12.76 5.22 34.38
CA GLU C 71 13.06 6.54 33.81
C GLU C 71 14.14 6.49 32.72
N GLN C 72 15.15 5.62 32.90
CA GLN C 72 16.20 5.46 31.91
C GLN C 72 15.69 4.74 30.64
N ILE C 73 14.74 3.80 30.80
CA ILE C 73 14.05 3.10 29.70
C ILE C 73 13.34 4.19 28.86
N GLN C 74 12.63 5.12 29.54
CA GLN C 74 11.94 6.21 28.84
C GLN C 74 12.93 7.15 28.11
N GLU C 75 14.11 7.42 28.70
CA GLU C 75 15.15 8.24 28.07
C GLU C 75 15.63 7.58 26.76
N VAL C 76 15.85 6.25 26.78
CA VAL C 76 16.27 5.50 25.57
C VAL C 76 15.16 5.64 24.48
N ILE C 77 13.89 5.43 24.86
CA ILE C 77 12.73 5.51 23.97
C ILE C 77 12.56 6.93 23.39
N THR C 78 12.62 7.97 24.26
CA THR C 78 12.50 9.38 23.87
C THR C 78 13.56 9.77 22.84
N PHE C 79 14.80 9.28 22.99
CA PHE C 79 15.87 9.59 22.03
C PHE C 79 15.47 9.19 20.60
N ARG C 80 15.03 7.94 20.44
CA ARG C 80 14.58 7.43 19.14
C ARG C 80 13.39 8.29 18.62
N GLU C 81 12.40 8.57 19.48
CA GLU C 81 11.20 9.35 19.13
C GLU C 81 11.50 10.82 18.73
N LYS C 82 12.60 11.39 19.25
CA LYS C 82 13.05 12.77 18.95
C LYS C 82 14.01 12.78 17.75
N ASN C 83 14.34 11.59 17.18
CA ASN C 83 15.27 11.46 16.06
C ASN C 83 14.73 10.58 14.94
N ARG C 84 13.51 10.89 14.46
CA ARG C 84 12.84 10.11 13.41
C ARG C 84 13.48 10.30 12.04
N GLY C 85 14.22 11.39 11.85
CA GLY C 85 14.93 11.66 10.60
C GLY C 85 16.35 11.11 10.58
N SER C 86 16.69 10.25 11.58
CA SER C 86 18.02 9.64 11.75
C SER C 86 18.41 8.84 10.52
N LYS C 87 19.72 8.83 10.19
CA LYS C 87 20.19 8.02 9.07
C LYS C 87 20.24 6.53 9.51
N PHE C 88 20.13 6.27 10.84
CA PHE C 88 20.14 4.90 11.38
C PHE C 88 18.86 4.57 12.15
N PHE C 89 17.68 4.97 11.58
CA PHE C 89 16.39 4.83 12.28
C PHE C 89 16.02 3.37 12.67
N ASN C 90 16.37 2.35 11.88
CA ASN C 90 16.10 0.94 12.26
C ASN C 90 16.96 0.47 13.42
N HIS C 91 18.18 1.03 13.55
CA HIS C 91 19.08 0.71 14.67
C HIS C 91 18.46 1.28 15.96
N LEU C 92 17.97 2.54 15.90
CA LEU C 92 17.36 3.25 17.03
C LEU C 92 16.06 2.57 17.43
N SER C 93 15.27 2.13 16.41
CA SER C 93 13.99 1.46 16.63
C SER C 93 14.19 0.07 17.24
N ALA C 94 15.24 -0.67 16.81
CA ALA C 94 15.55 -1.98 17.39
C ALA C 94 15.79 -1.82 18.88
N VAL C 95 16.48 -0.72 19.28
CA VAL C 95 16.77 -0.43 20.68
C VAL C 95 15.52 0.02 21.43
N SER C 96 14.86 1.10 20.96
CA SER C 96 13.68 1.64 21.65
C SER C 96 12.55 0.63 21.87
N GLU C 97 12.29 -0.26 20.89
CA GLU C 97 11.20 -1.22 20.98
C GLU C 97 11.58 -2.47 21.76
N SER C 98 12.84 -2.55 22.25
CA SER C 98 13.27 -3.70 23.03
C SER C 98 13.82 -3.36 24.41
N ILE C 99 14.19 -2.07 24.65
CA ILE C 99 14.83 -1.63 25.92
C ILE C 99 13.96 -1.92 27.17
N GLN C 100 12.64 -2.03 27.01
CA GLN C 100 11.76 -2.40 28.13
C GLN C 100 12.15 -3.75 28.74
N ALA C 101 13.02 -4.56 28.07
CA ALA C 101 13.53 -5.83 28.63
C ALA C 101 14.14 -5.61 30.04
N LEU C 102 14.75 -4.43 30.29
CA LEU C 102 15.33 -4.06 31.59
C LEU C 102 14.28 -4.09 32.71
N GLY C 103 12.99 -3.96 32.34
CA GLY C 103 11.87 -3.96 33.25
C GLY C 103 11.53 -5.32 33.83
N TRP C 104 12.27 -6.41 33.42
CA TRP C 104 12.05 -7.78 33.93
C TRP C 104 12.08 -7.86 35.47
N VAL C 105 12.86 -6.96 36.10
CA VAL C 105 13.07 -6.82 37.55
C VAL C 105 11.77 -6.48 38.33
N ALA C 106 10.76 -5.89 37.66
CA ALA C 106 9.48 -5.51 38.27
C ALA C 106 8.43 -6.64 38.26
N LEU C 107 8.65 -7.69 37.44
CA LEU C 107 7.71 -8.81 37.28
C LEU C 107 7.63 -9.75 38.46
N ALA C 108 6.38 -10.09 38.85
CA ALA C 108 6.10 -11.03 39.95
C ALA C 108 6.40 -12.46 39.50
N ALA C 109 6.28 -12.74 38.17
CA ALA C 109 6.54 -14.05 37.58
C ALA C 109 6.92 -13.96 36.08
N LYS C 110 7.53 -15.07 35.56
CA LYS C 110 7.95 -15.29 34.17
C LYS C 110 8.81 -14.14 33.59
N PRO C 111 9.96 -13.75 34.21
CA PRO C 111 10.78 -12.68 33.62
C PRO C 111 11.47 -13.08 32.31
N GLY C 112 11.87 -14.36 32.21
CA GLY C 112 12.52 -14.95 31.04
C GLY C 112 11.70 -14.81 29.78
N PRO C 113 10.45 -15.34 29.74
CA PRO C 113 9.59 -15.16 28.56
C PRO C 113 9.35 -13.69 28.13
N PHE C 114 9.36 -12.74 29.09
CA PHE C 114 9.19 -11.31 28.83
C PHE C 114 10.42 -10.74 28.06
N VAL C 115 11.64 -11.13 28.47
CA VAL C 115 12.88 -10.69 27.81
C VAL C 115 12.93 -11.27 26.37
N LYS C 116 12.46 -12.52 26.21
CA LYS C 116 12.35 -13.21 24.92
C LYS C 116 11.43 -12.39 23.96
N GLU C 117 10.29 -11.87 24.47
CA GLU C 117 9.36 -11.07 23.66
C GLU C 117 9.99 -9.76 23.22
N MET C 118 10.78 -9.15 24.13
CA MET C 118 11.48 -7.89 23.87
C MET C 118 12.56 -8.14 22.83
N ASN C 119 13.23 -9.31 22.89
CA ASN C 119 14.23 -9.69 21.90
C ASN C 119 13.58 -9.88 20.52
N ASP C 120 12.36 -10.45 20.48
CA ASP C 120 11.60 -10.60 19.23
C ASP C 120 11.20 -9.26 18.64
N ALA C 121 10.87 -8.25 19.48
CA ALA C 121 10.52 -6.90 18.98
C ALA C 121 11.79 -6.25 18.35
N ALA C 122 12.97 -6.42 18.97
CA ALA C 122 14.24 -5.90 18.43
C ALA C 122 14.51 -6.51 17.06
N MET C 123 14.29 -7.84 16.91
CA MET C 123 14.55 -8.59 15.67
C MET C 123 13.72 -8.12 14.51
N PHE C 124 12.53 -7.55 14.77
CA PHE C 124 11.72 -6.98 13.69
C PHE C 124 12.59 -5.88 12.99
N TYR C 125 13.30 -5.08 13.79
CA TYR C 125 14.14 -4.02 13.26
C TYR C 125 15.52 -4.46 12.90
N THR C 126 16.15 -5.37 13.66
CA THR C 126 17.53 -5.79 13.32
C THR C 126 17.56 -6.56 12.00
N ASN C 127 16.46 -7.29 11.65
CA ASN C 127 16.41 -7.98 10.34
C ASN C 127 16.38 -6.97 9.21
N ARG C 128 15.78 -5.78 9.45
CA ARG C 128 15.79 -4.69 8.46
C ARG C 128 17.21 -4.11 8.32
N VAL C 129 17.96 -4.03 9.44
CA VAL C 129 19.35 -3.55 9.42
C VAL C 129 20.19 -4.54 8.61
N LEU C 130 20.05 -5.85 8.91
CA LEU C 130 20.79 -6.90 8.19
C LEU C 130 20.54 -6.85 6.68
N LYS C 131 19.27 -6.71 6.27
CA LYS C 131 18.89 -6.65 4.86
C LYS C 131 19.46 -5.42 4.16
N GLU C 132 19.46 -4.27 4.85
CA GLU C 132 19.99 -3.03 4.28
C GLU C 132 21.52 -2.96 4.26
N TYR C 133 22.21 -3.52 5.28
CA TYR C 133 23.66 -3.38 5.44
C TYR C 133 24.53 -4.63 5.27
N ARG C 134 23.96 -5.81 5.00
CA ARG C 134 24.73 -7.04 4.78
C ARG C 134 25.80 -6.87 3.66
N ASP C 135 25.49 -6.04 2.63
CA ASP C 135 26.39 -5.74 1.50
C ASP C 135 27.06 -4.35 1.61
N VAL C 136 26.75 -3.59 2.66
CA VAL C 136 27.32 -2.24 2.88
C VAL C 136 28.62 -2.38 3.71
N ASP C 137 28.48 -2.59 5.03
CA ASP C 137 29.60 -2.74 5.97
C ASP C 137 29.29 -3.85 7.00
N LYS C 138 30.31 -4.68 7.31
CA LYS C 138 30.23 -5.79 8.26
C LYS C 138 29.92 -5.32 9.69
N LYS C 139 30.35 -4.08 10.06
CA LYS C 139 30.13 -3.50 11.39
C LYS C 139 28.65 -3.44 11.78
N HIS C 140 27.75 -3.31 10.79
CA HIS C 140 26.31 -3.28 11.03
C HIS C 140 25.80 -4.67 11.37
N VAL C 141 26.33 -5.71 10.68
CA VAL C 141 26.01 -7.12 10.93
C VAL C 141 26.53 -7.47 12.37
N ASP C 142 27.76 -7.01 12.69
CA ASP C 142 28.40 -7.24 14.00
C ASP C 142 27.63 -6.52 15.11
N TRP C 143 27.17 -5.28 14.84
CA TRP C 143 26.37 -4.51 15.81
C TRP C 143 25.06 -5.22 16.16
N VAL C 144 24.36 -5.78 15.13
CA VAL C 144 23.10 -6.52 15.29
C VAL C 144 23.37 -7.75 16.18
N ARG C 145 24.42 -8.53 15.87
CA ARG C 145 24.78 -9.70 16.67
C ARG C 145 25.13 -9.28 18.11
N ALA C 146 25.87 -8.15 18.27
CA ALA C 146 26.26 -7.64 19.59
C ALA C 146 25.07 -7.21 20.41
N TYR C 147 24.14 -6.42 19.82
CA TYR C 147 22.94 -5.96 20.54
C TYR C 147 22.02 -7.10 20.98
N LEU C 148 21.74 -8.05 20.07
CA LEU C 148 20.88 -9.19 20.35
C LEU C 148 21.51 -10.16 21.37
N SER C 149 22.85 -10.23 21.43
CA SER C 149 23.53 -11.10 22.39
C SER C 149 23.30 -10.65 23.84
N ILE C 150 23.06 -9.35 24.08
CA ILE C 150 22.75 -8.82 25.43
C ILE C 150 21.51 -9.55 26.01
N TRP C 151 20.44 -9.63 25.20
CA TRP C 151 19.16 -10.22 25.58
C TRP C 151 19.18 -11.74 25.62
N THR C 152 19.96 -12.41 24.75
CA THR C 152 20.05 -13.87 24.84
C THR C 152 20.85 -14.28 26.10
N GLU C 153 21.88 -13.48 26.47
CA GLU C 153 22.68 -13.69 27.68
C GLU C 153 21.85 -13.36 28.90
N LEU C 154 21.04 -12.26 28.84
CA LEU C 154 20.14 -11.85 29.92
C LEU C 154 19.10 -12.94 30.25
N GLN C 155 18.59 -13.61 29.20
CA GLN C 155 17.62 -14.71 29.32
C GLN C 155 18.28 -15.89 30.02
N ALA C 156 19.55 -16.21 29.66
CA ALA C 156 20.32 -17.29 30.27
C ALA C 156 20.60 -16.98 31.73
N TYR C 157 20.90 -15.69 32.02
CA TYR C 157 21.16 -15.15 33.35
C TYR C 157 19.90 -15.24 34.24
N ILE C 158 18.73 -14.92 33.67
CA ILE C 158 17.42 -14.98 34.35
C ILE C 158 17.07 -16.44 34.67
N LYS C 159 17.18 -17.35 33.69
CA LYS C 159 16.91 -18.78 33.88
C LYS C 159 17.79 -19.37 35.01
N GLU C 160 19.05 -18.90 35.14
CA GLU C 160 19.98 -19.40 36.16
C GLU C 160 19.76 -18.84 37.58
N PHE C 161 19.49 -17.53 37.72
CA PHE C 161 19.41 -16.97 39.07
C PHE C 161 18.08 -16.35 39.47
N HIS C 162 17.20 -16.08 38.51
CA HIS C 162 15.95 -15.39 38.79
C HIS C 162 14.77 -16.00 38.00
N THR C 163 14.72 -17.35 37.90
CA THR C 163 13.73 -18.10 37.11
C THR C 163 12.28 -17.64 37.35
N THR C 164 11.84 -17.55 38.60
CA THR C 164 10.47 -17.13 38.92
C THR C 164 10.37 -15.63 39.28
N GLY C 165 11.41 -14.88 38.96
CA GLY C 165 11.49 -13.45 39.27
C GLY C 165 12.73 -13.10 40.03
N LEU C 166 13.03 -11.78 40.12
CA LEU C 166 14.17 -11.21 40.84
C LEU C 166 14.32 -11.86 42.21
N ALA C 167 15.46 -12.54 42.41
CA ALA C 167 15.75 -13.27 43.62
C ALA C 167 16.25 -12.37 44.76
N TRP C 168 15.30 -11.69 45.44
CA TRP C 168 15.56 -10.82 46.60
C TRP C 168 16.07 -11.67 47.75
N SER C 169 16.95 -11.09 48.59
CA SER C 169 17.53 -11.77 49.76
C SER C 169 16.43 -12.23 50.73
N LYS C 170 16.66 -13.36 51.41
CA LYS C 170 15.71 -13.90 52.38
C LYS C 170 15.99 -13.34 53.76
N THR C 171 17.29 -13.18 54.12
CA THR C 171 17.76 -12.67 55.40
C THR C 171 18.37 -11.28 55.26
MG MG D . -5.49 -0.12 -1.63
PB ADP E . -4.13 -2.07 0.65
O1B ADP E . -3.52 -1.70 1.96
O2B ADP E . -5.38 -2.80 0.78
O3B ADP E . -4.24 -0.87 -0.22
PA ADP E . -1.92 -2.94 -1.13
O1A ADP E . -0.95 -1.87 -0.70
O2A ADP E . -2.50 -2.68 -2.48
O3A ADP E . -3.07 -3.05 -0.03
O5' ADP E . -1.25 -4.37 -0.99
C5' ADP E . -0.53 -4.81 0.16
C4' ADP E . -0.38 -6.30 0.04
O4' ADP E . 0.30 -6.65 -1.19
C3' ADP E . 0.41 -6.94 1.18
O3' ADP E . -0.35 -8.02 1.69
C2' ADP E . 1.72 -7.36 0.51
O2' ADP E . 2.38 -8.47 1.12
C1' ADP E . 1.25 -7.65 -0.92
N9 ADP E . 2.32 -7.57 -1.93
C8 ADP E . 3.19 -6.53 -2.11
N7 ADP E . 4.04 -6.72 -3.09
C5 ADP E . 3.71 -7.98 -3.58
C6 ADP E . 4.29 -8.79 -4.57
N6 ADP E . 5.35 -8.43 -5.30
N1 ADP E . 3.74 -10.02 -4.77
C2 ADP E . 2.70 -10.39 -4.04
N3 ADP E . 2.08 -9.71 -3.07
C4 ADP E . 2.65 -8.51 -2.87
N1 EPE F . 7.04 -21.39 -14.18
C2 EPE F . 7.59 -22.61 -13.61
C3 EPE F . 7.17 -23.80 -14.45
N4 EPE F . 5.70 -23.91 -14.47
C5 EPE F . 5.08 -22.67 -14.94
C6 EPE F . 5.57 -21.45 -14.14
C7 EPE F . 5.26 -25.09 -15.25
C8 EPE F . 5.33 -26.41 -14.49
O8 EPE F . 4.86 -27.53 -15.25
C9 EPE F . 7.66 -20.14 -13.71
C10 EPE F . 7.17 -19.37 -12.49
S EPE F . 8.00 -17.87 -12.41
O1S EPE F . 7.42 -17.14 -11.30
O2S EPE F . 9.41 -18.19 -12.19
O3S EPE F . 7.78 -17.21 -13.68
MG MG G . -10.61 -1.20 -26.14
N1 EPE H . -23.49 -2.51 -44.11
C2 EPE H . -22.46 -1.58 -44.59
C3 EPE H . -21.07 -2.11 -44.29
N4 EPE H . -20.90 -2.35 -42.84
C5 EPE H . -21.94 -3.27 -42.36
C6 EPE H . -23.32 -2.72 -42.67
C7 EPE H . -19.54 -2.84 -42.53
C8 EPE H . -19.03 -3.97 -43.39
O8 EPE H . -17.99 -3.56 -44.27
C9 EPE H . -24.85 -2.06 -44.47
C10 EPE H . -25.53 -1.12 -43.47
S EPE H . -27.21 -0.95 -43.75
O1S EPE H . -27.80 -0.76 -42.45
O2S EPE H . -27.66 -2.17 -44.40
O3S EPE H . -27.35 0.20 -44.62
#